data_9GZQ
#
_entry.id   9GZQ
#
_cell.length_a   215.909
_cell.length_b   215.909
_cell.length_c   215.528
_cell.angle_alpha   90
_cell.angle_beta   90
_cell.angle_gamma   90
#
_symmetry.space_group_name_H-M   'I 4 2 2'
#
loop_
_entity.id
_entity.type
_entity.pdbx_description
1 polymer 'Probable oxidoreductase YjgC'
2 polymer ForE1
3 non-polymer 'FE2/S2 (INORGANIC) CLUSTER'
4 non-polymer 'IRON/SULFUR CLUSTER'
5 non-polymer '2-AMINO-5,6-DIMERCAPTO-7-METHYL-3,7,8A,9-TETRAHYDRO-8-OXA-1,3,9,10-TETRAAZA-ANTHRACEN-4-ONE GUANOSINE DINUCLEOTIDE'
6 non-polymer 'MOLYBDENUM(IV) ION'
#
loop_
_entity_poly.entity_id
_entity_poly.type
_entity_poly.pdbx_seq_one_letter_code
_entity_poly.pdbx_strand_id
1 'polypeptide(L)'
;HHHHHHSSGENLYFQGMAGKKTITINGVEMEASEEQTVLQLLNNSSIEVPQVCYHPSLGPIETCDTCIVSINGELKRSCS
AELKDGDVIDTLSPDVKKAQVIGMDKILYNHELYCTVCDYNNGGCEIHNTVKEMKINHQSIPFDHKPYHKDESHPFYRYD
PDQCILCGRCVEACQDVQVTETLTIDWERKRPRVIWDNDVPINESSCVSCGHCSTVCPCNAMMEKGMEGEAGYLTGINNE
TLRPMIEITKGVETGYGSILAISDMESAMRDERIKKTKTVCTYCGVGCSFDVWTKGRDILKVEPQEEAPANGISTCVKGK
FGWDFVNSEERLTKPLIREGDHFREAEWEEALLLIASKFTELKEAFGPDSLAFITSSKCTNEESYLMQKLARGVIGTNNV
DNCSRYCQSPATAGLFRTVGYGGDSGSITDIAQADLVLIIGSNTSESHPVLSTRIKRAHKLRGQKVIVADIRKHEMAERS
DLFVQPRAGSDIVWLNAIAKYLIENGKADERFLRERVNGRDEYVKSLAPYTLEYAEEKTGIDQETLIQMAEMIGQADSVC
ALWAMGVTQHIGGSDTSTAISNLLLVTGNYGKPGAGSYPLRGHNNVQGASDFGSMPDRLPGYEKVTDEQVRQKYERVWGV
PLPKEPGMTNHEMIEKIHSGQLKAMYVKGEEMGLVDSNINHVHAAYEKLDFFVVQDIFLSRTAEFADVVLPASPSLEKEG
TFTNTERRIQRLYQVFEPLGESKPDWQIIMEVANKLGAGWLYEHPADIMEEAAKLSPIYAGVTYERLEGYNSLQWPVNAD
GKDSPLLFTERFPFPDGKAILYPVQWTEPKEFGEEYDIHVNNGRLLEHFHEGNLTYKSKGISEKTPEVFLEISPELAAER
GIQDGTLVRLTSPFGNVKVKCLITDRVKGKEVYLPMNDSGEAAINLLTGSHADKDTDTPAYKETSAKMEILKHDGISPLP
KINHRNGNPQPQIGVQVHKKWARKDYIFPGDAVKRGMGHNG
;
A
2 'polypeptide(L)'
;MAKAIKRIQKIEVTEEDQRKRDLREIEDALIDHKEAILETLHMLGHMNERGVLPLLRGLFGQGDKVLDILVKKADTEETA
NTLKNLLLLFGTLGMLDVKQLEPLILKVNAGVASAVEQKNSEEKTGYFDIIRSLKDPEINKSITLLFSFLKGMGQDTKEL
ERTTQPPEHQKHHQEPREKRGMNKRD
;
B
#
# COMPACT_ATOMS: atom_id res chain seq x y z
N LYS A 20 -7.73 3.28 39.90
CA LYS A 20 -8.34 4.60 39.80
C LYS A 20 -9.67 4.58 39.04
N LYS A 21 -10.53 5.58 39.29
CA LYS A 21 -11.83 5.77 38.65
C LYS A 21 -12.81 4.60 38.81
N THR A 22 -13.89 4.81 39.58
CA THR A 22 -14.95 3.83 39.75
C THR A 22 -16.26 4.47 39.27
N ILE A 23 -16.99 3.78 38.39
CA ILE A 23 -18.19 4.35 37.78
C ILE A 23 -19.44 3.47 37.95
N THR A 24 -20.63 3.98 37.58
CA THR A 24 -21.85 3.18 37.67
C THR A 24 -22.68 3.27 36.37
N ILE A 25 -22.69 2.17 35.61
CA ILE A 25 -23.42 2.07 34.34
C ILE A 25 -24.83 1.51 34.54
N ASN A 26 -25.83 2.40 34.63
CA ASN A 26 -27.23 2.03 34.82
C ASN A 26 -27.42 1.21 36.10
N GLY A 27 -26.75 1.62 37.17
CA GLY A 27 -26.83 0.94 38.45
C GLY A 27 -25.69 -0.03 38.71
N VAL A 28 -25.14 -0.62 37.64
CA VAL A 28 -24.05 -1.59 37.74
C VAL A 28 -22.73 -0.94 38.14
N GLU A 29 -22.13 -1.37 39.26
CA GLU A 29 -20.85 -0.81 39.71
C GLU A 29 -19.73 -1.26 38.77
N MET A 30 -18.76 -0.37 38.51
CA MET A 30 -17.68 -0.63 37.56
C MET A 30 -16.36 0.06 37.95
N GLU A 31 -15.28 -0.23 37.20
CA GLU A 31 -13.97 0.37 37.41
C GLU A 31 -13.24 0.57 36.08
N ALA A 32 -12.41 1.62 35.97
CA ALA A 32 -11.72 1.92 34.72
C ALA A 32 -10.32 1.33 34.65
N SER A 33 -9.81 1.10 33.43
CA SER A 33 -8.48 0.58 33.23
C SER A 33 -7.53 1.67 32.72
N GLU A 34 -7.95 2.41 31.67
CA GLU A 34 -7.17 3.51 31.07
C GLU A 34 -7.99 4.43 30.14
N GLU A 35 -9.27 4.10 29.89
CA GLU A 35 -10.14 4.86 28.98
C GLU A 35 -10.33 6.31 29.34
N GLN A 36 -10.11 7.19 28.37
CA GLN A 36 -10.28 8.62 28.58
C GLN A 36 -11.74 9.00 28.49
N THR A 37 -12.49 8.40 27.55
CA THR A 37 -13.88 8.78 27.33
C THR A 37 -14.91 7.72 27.73
N VAL A 38 -16.16 8.18 27.98
CA VAL A 38 -17.31 7.38 28.33
C VAL A 38 -17.63 6.39 27.22
N LEU A 39 -17.55 6.84 25.96
CA LEU A 39 -17.80 5.99 24.81
C LEU A 39 -16.80 4.86 24.74
N GLN A 40 -15.52 5.14 25.05
CA GLN A 40 -14.49 4.10 25.05
C GLN A 40 -14.83 3.00 26.07
N LEU A 41 -15.39 3.40 27.21
CA LEU A 41 -15.80 2.46 28.24
C LEU A 41 -17.04 1.68 27.78
N LEU A 42 -18.08 2.37 27.31
CA LEU A 42 -19.31 1.73 26.83
C LEU A 42 -19.08 0.77 25.67
N ASN A 43 -18.00 0.98 24.89
CA ASN A 43 -17.66 0.10 23.78
C ASN A 43 -17.00 -1.15 24.31
N ASN A 44 -16.08 -1.01 25.27
CA ASN A 44 -15.41 -2.17 25.86
C ASN A 44 -16.38 -3.00 26.68
N SER A 45 -17.34 -2.35 27.35
CA SER A 45 -18.36 -3.02 28.16
C SER A 45 -19.53 -3.58 27.33
N SER A 46 -19.39 -3.63 25.99
CA SER A 46 -20.38 -4.15 25.04
C SER A 46 -21.79 -3.56 25.20
N ILE A 47 -21.91 -2.29 25.59
CA ILE A 47 -23.20 -1.64 25.74
C ILE A 47 -23.54 -0.92 24.44
N GLU A 48 -24.74 -1.15 23.89
CA GLU A 48 -25.13 -0.54 22.62
C GLU A 48 -25.37 0.95 22.72
N VAL A 49 -24.69 1.70 21.85
CA VAL A 49 -24.80 3.15 21.79
C VAL A 49 -24.49 3.62 20.38
N PRO A 50 -25.37 4.43 19.78
CA PRO A 50 -25.11 4.93 18.43
C PRO A 50 -23.90 5.86 18.43
N GLN A 51 -23.06 5.78 17.40
CA GLN A 51 -21.84 6.57 17.32
C GLN A 51 -21.42 6.69 15.85
N VAL A 52 -22.20 7.41 15.06
CA VAL A 52 -21.93 7.55 13.64
C VAL A 52 -20.63 8.30 13.31
N CYS A 53 -20.45 9.54 13.80
CA CYS A 53 -19.24 10.31 13.47
C CYS A 53 -18.00 9.90 14.27
N TYR A 54 -18.13 8.99 15.26
CA TYR A 54 -16.95 8.56 15.99
C TYR A 54 -16.23 7.43 15.27
N HIS A 55 -14.99 7.71 14.85
CA HIS A 55 -14.15 6.69 14.26
C HIS A 55 -12.98 6.54 15.18
N PRO A 56 -12.65 5.32 15.60
CA PRO A 56 -11.52 5.12 16.51
C PRO A 56 -10.21 5.71 16.03
N SER A 57 -9.82 5.50 14.77
CA SER A 57 -8.59 6.09 14.23
C SER A 57 -8.62 7.60 14.09
N LEU A 58 -9.81 8.20 14.04
CA LEU A 58 -9.99 9.63 13.86
C LEU A 58 -10.16 10.42 15.14
N GLY A 59 -10.66 9.77 16.18
CA GLY A 59 -10.94 10.46 17.43
C GLY A 59 -12.29 11.17 17.37
N PRO A 60 -12.80 11.61 18.52
CA PRO A 60 -14.13 12.26 18.52
C PRO A 60 -14.17 13.55 17.74
N ILE A 61 -15.32 13.77 17.09
CA ILE A 61 -15.54 14.92 16.23
C ILE A 61 -16.77 15.72 16.70
N GLU A 62 -17.76 15.06 17.33
CA GLU A 62 -18.99 15.68 17.86
C GLU A 62 -19.87 16.28 16.75
N THR A 63 -19.97 15.58 15.63
CA THR A 63 -20.75 16.07 14.50
C THR A 63 -22.05 15.34 14.24
N CYS A 64 -22.25 14.16 14.83
CA CYS A 64 -23.47 13.39 14.60
C CYS A 64 -24.49 13.53 15.72
N ASP A 65 -24.01 13.75 16.96
CA ASP A 65 -24.83 13.86 18.17
C ASP A 65 -25.67 12.60 18.42
N THR A 66 -25.20 11.44 17.95
CA THR A 66 -25.93 10.19 18.15
C THR A 66 -25.50 9.41 19.40
N CYS A 67 -24.54 9.94 20.18
CA CYS A 67 -24.04 9.24 21.36
C CYS A 67 -24.47 9.90 22.68
N ILE A 68 -25.54 10.70 22.66
CA ILE A 68 -26.04 11.41 23.85
C ILE A 68 -26.43 10.45 24.95
N VAL A 69 -25.77 10.55 26.09
CA VAL A 69 -26.06 9.74 27.26
C VAL A 69 -26.18 10.64 28.50
N SER A 70 -26.85 10.16 29.55
CA SER A 70 -27.03 10.94 30.77
C SER A 70 -25.95 10.62 31.79
N ILE A 71 -24.89 11.42 31.82
CA ILE A 71 -23.82 11.23 32.78
C ILE A 71 -24.02 12.21 33.94
N ASN A 72 -24.31 11.69 35.14
CA ASN A 72 -24.61 12.47 36.35
C ASN A 72 -25.83 13.40 36.16
N GLY A 73 -26.78 12.96 35.35
CA GLY A 73 -27.97 13.74 35.06
C GLY A 73 -27.88 14.62 33.83
N GLU A 74 -26.66 14.89 33.37
CA GLU A 74 -26.45 15.76 32.21
C GLU A 74 -26.43 15.01 30.89
N LEU A 75 -27.17 15.52 29.89
CA LEU A 75 -27.19 14.90 28.58
C LEU A 75 -26.02 15.37 27.74
N LYS A 76 -24.98 14.54 27.60
CA LYS A 76 -23.79 14.91 26.84
C LYS A 76 -23.36 13.81 25.85
N ARG A 77 -22.53 14.18 24.84
CA ARG A 77 -21.99 13.25 23.86
C ARG A 77 -20.96 12.38 24.57
N SER A 78 -21.13 11.06 24.51
CA SER A 78 -20.20 10.15 25.17
C SER A 78 -18.85 10.04 24.49
N CYS A 79 -18.78 10.31 23.18
CA CYS A 79 -17.52 10.25 22.43
C CYS A 79 -16.50 11.27 22.95
N SER A 80 -17.00 12.43 23.40
CA SER A 80 -16.24 13.52 23.98
C SER A 80 -16.76 13.76 25.40
N ALA A 81 -16.37 12.90 26.34
CA ALA A 81 -16.80 13.01 27.73
C ALA A 81 -15.71 12.45 28.61
N GLU A 82 -14.96 13.31 29.32
CA GLU A 82 -13.87 12.86 30.17
C GLU A 82 -14.34 11.99 31.30
N LEU A 83 -13.71 10.83 31.47
CA LEU A 83 -14.09 9.85 32.47
C LEU A 83 -13.76 10.29 33.88
N LYS A 84 -14.65 11.05 34.52
CA LYS A 84 -14.46 11.51 35.90
C LYS A 84 -14.78 10.37 36.90
N ASP A 85 -14.45 10.56 38.19
CA ASP A 85 -14.73 9.54 39.19
C ASP A 85 -16.15 9.63 39.74
N GLY A 86 -16.77 8.48 39.95
CA GLY A 86 -18.11 8.38 40.50
C GLY A 86 -19.23 8.84 39.59
N ASP A 87 -19.01 8.78 38.27
CA ASP A 87 -20.05 9.20 37.32
C ASP A 87 -21.16 8.17 37.20
N VAL A 88 -22.37 8.64 36.88
CA VAL A 88 -23.52 7.75 36.70
C VAL A 88 -23.95 7.81 35.25
N ILE A 89 -23.52 6.83 34.44
CA ILE A 89 -23.86 6.80 33.02
C ILE A 89 -25.25 6.21 32.86
N ASP A 90 -26.07 6.81 31.99
CA ASP A 90 -27.41 6.32 31.71
C ASP A 90 -27.51 6.14 30.21
N THR A 91 -27.61 4.89 29.74
CA THR A 91 -27.69 4.61 28.30
C THR A 91 -29.02 4.00 27.87
N LEU A 92 -30.07 4.10 28.70
CA LEU A 92 -31.35 3.49 28.37
C LEU A 92 -32.58 4.30 28.72
N SER A 93 -32.41 5.48 29.34
CA SER A 93 -33.51 6.35 29.72
C SER A 93 -34.35 6.75 28.51
N PRO A 94 -35.68 6.91 28.67
CA PRO A 94 -36.51 7.38 27.55
C PRO A 94 -36.04 8.72 27.00
N ASP A 95 -35.37 9.54 27.84
CA ASP A 95 -34.87 10.83 27.40
C ASP A 95 -33.58 10.73 26.60
N VAL A 96 -32.70 9.76 26.93
CA VAL A 96 -31.45 9.61 26.18
C VAL A 96 -31.73 9.03 24.80
N LYS A 97 -32.62 8.02 24.73
CA LYS A 97 -32.97 7.40 23.47
C LYS A 97 -33.72 8.37 22.58
N LYS A 98 -34.63 9.16 23.17
CA LYS A 98 -35.40 10.18 22.45
C LYS A 98 -34.47 11.26 21.86
N ALA A 99 -33.36 11.57 22.55
CA ALA A 99 -32.39 12.55 22.09
C ALA A 99 -31.55 12.00 20.93
N GLN A 100 -31.06 10.73 21.05
CA GLN A 100 -30.30 10.08 19.97
C GLN A 100 -31.11 10.05 18.67
N VAL A 101 -32.44 9.85 18.80
CA VAL A 101 -33.45 9.85 17.75
C VAL A 101 -33.47 11.21 17.03
N ILE A 102 -33.58 12.32 17.78
CA ILE A 102 -33.57 13.69 17.25
C ILE A 102 -32.32 13.93 16.40
N GLY A 103 -31.19 13.44 16.90
CA GLY A 103 -29.91 13.53 16.22
C GLY A 103 -29.94 12.78 14.91
N MET A 104 -30.40 11.51 14.94
CA MET A 104 -30.50 10.65 13.76
C MET A 104 -31.45 11.20 12.70
N ASP A 105 -32.48 11.94 13.11
CA ASP A 105 -33.40 12.55 12.15
C ASP A 105 -32.70 13.67 11.37
N LYS A 106 -31.78 14.39 12.01
CA LYS A 106 -30.99 15.43 11.34
C LYS A 106 -29.88 14.82 10.44
N ILE A 107 -29.54 13.53 10.65
CA ILE A 107 -28.58 12.76 9.86
C ILE A 107 -29.31 12.28 8.60
N LEU A 108 -30.52 11.73 8.76
CA LEU A 108 -31.36 11.28 7.66
C LEU A 108 -31.96 12.43 6.83
N TYR A 109 -31.88 13.67 7.33
CA TYR A 109 -32.29 14.84 6.57
C TYR A 109 -31.30 15.01 5.38
N ASN A 110 -30.02 14.59 5.55
CA ASN A 110 -28.97 14.67 4.53
C ASN A 110 -28.59 13.27 4.02
N HIS A 111 -29.56 12.36 3.96
CA HIS A 111 -29.36 11.03 3.43
C HIS A 111 -30.65 10.42 2.86
N GLU A 112 -30.64 10.14 1.54
CA GLU A 112 -31.78 9.56 0.83
C GLU A 112 -32.00 8.11 1.24
N LEU A 113 -30.92 7.38 1.61
CA LEU A 113 -30.97 5.99 2.07
C LEU A 113 -31.73 5.11 1.07
N TYR A 114 -30.98 4.39 0.24
CA TYR A 114 -31.53 3.50 -0.78
C TYR A 114 -30.67 2.24 -0.85
N CYS A 115 -30.36 1.66 0.32
CA CYS A 115 -29.52 0.47 0.54
C CYS A 115 -29.82 -0.63 -0.46
N THR A 116 -31.10 -0.87 -0.71
CA THR A 116 -31.62 -1.85 -1.67
C THR A 116 -30.90 -1.78 -3.04
N VAL A 117 -30.60 -0.55 -3.51
CA VAL A 117 -29.92 -0.25 -4.78
C VAL A 117 -28.61 0.56 -4.59
N CYS A 118 -28.08 0.61 -3.37
CA CYS A 118 -26.85 1.33 -3.04
C CYS A 118 -25.67 0.40 -2.94
N ASP A 119 -24.54 0.86 -3.48
CA ASP A 119 -23.29 0.12 -3.45
C ASP A 119 -22.67 0.09 -2.05
N TYR A 120 -23.04 1.02 -1.15
CA TYR A 120 -22.50 1.00 0.21
C TYR A 120 -23.29 0.08 1.15
N ASN A 121 -24.29 -0.66 0.64
CA ASN A 121 -25.01 -1.63 1.45
C ASN A 121 -24.27 -2.99 1.42
N ASN A 122 -23.19 -3.11 2.19
CA ASN A 122 -22.42 -4.35 2.25
C ASN A 122 -22.24 -4.85 3.70
N GLY A 123 -23.15 -4.44 4.59
CA GLY A 123 -23.12 -4.81 6.01
C GLY A 123 -22.18 -4.03 6.88
N GLY A 124 -21.68 -2.91 6.37
CA GLY A 124 -20.75 -2.06 7.10
C GLY A 124 -21.01 -0.58 6.97
N CYS A 125 -22.19 -0.20 6.43
CA CYS A 125 -22.51 1.21 6.29
C CYS A 125 -22.98 1.69 7.62
N GLU A 126 -22.18 2.50 8.28
CA GLU A 126 -22.49 2.99 9.62
C GLU A 126 -23.88 3.60 9.75
N ILE A 127 -24.36 4.31 8.72
CA ILE A 127 -25.70 4.88 8.71
C ILE A 127 -26.76 3.74 8.69
N HIS A 128 -26.69 2.84 7.69
CA HIS A 128 -27.61 1.74 7.50
C HIS A 128 -27.66 0.82 8.73
N ASN A 129 -26.51 0.51 9.29
CA ASN A 129 -26.42 -0.34 10.47
C ASN A 129 -26.90 0.35 11.74
N THR A 130 -26.82 1.69 11.79
CA THR A 130 -27.28 2.45 12.96
C THR A 130 -28.78 2.63 12.92
N VAL A 131 -29.40 2.88 11.77
CA VAL A 131 -30.87 3.00 11.67
C VAL A 131 -31.53 1.70 12.15
N LYS A 132 -30.95 0.58 11.74
CA LYS A 132 -31.35 -0.76 12.11
C LYS A 132 -31.21 -0.92 13.63
N GLU A 133 -30.05 -0.55 14.20
CA GLU A 133 -29.74 -0.61 15.62
C GLU A 133 -30.69 0.25 16.47
N MET A 134 -30.99 1.44 15.99
CA MET A 134 -31.85 2.39 16.69
C MET A 134 -33.33 2.06 16.63
N LYS A 135 -33.73 1.00 15.91
CA LYS A 135 -35.13 0.58 15.78
C LYS A 135 -36.00 1.73 15.24
N ILE A 136 -35.45 2.53 14.32
CA ILE A 136 -36.19 3.66 13.76
C ILE A 136 -36.84 3.24 12.44
N ASN A 137 -38.13 3.56 12.27
CA ASN A 137 -38.88 3.19 11.07
C ASN A 137 -39.52 4.38 10.33
N HIS A 138 -39.63 5.54 11.00
CA HIS A 138 -40.22 6.71 10.38
C HIS A 138 -39.44 7.94 10.77
N GLN A 139 -38.70 8.55 9.82
CA GLN A 139 -37.95 9.76 10.14
C GLN A 139 -38.88 10.99 10.14
N SER A 140 -38.81 11.79 11.20
CA SER A 140 -39.64 12.98 11.37
C SER A 140 -39.25 14.12 10.43
N ILE A 141 -37.96 14.20 10.08
CA ILE A 141 -37.47 15.22 9.17
C ILE A 141 -37.25 14.55 7.84
N PRO A 142 -38.09 14.81 6.83
CA PRO A 142 -37.91 14.16 5.53
C PRO A 142 -36.64 14.60 4.80
N PHE A 143 -36.20 13.78 3.84
CA PHE A 143 -34.99 14.07 3.08
C PHE A 143 -35.16 15.29 2.15
N ASP A 144 -34.08 16.05 1.96
CA ASP A 144 -34.05 17.23 1.11
C ASP A 144 -32.79 17.22 0.26
N HIS A 145 -32.95 17.37 -1.06
CA HIS A 145 -31.82 17.38 -1.97
C HIS A 145 -30.94 18.60 -1.73
N LYS A 146 -29.61 18.40 -1.65
CA LYS A 146 -28.67 19.50 -1.49
C LYS A 146 -28.48 20.21 -2.85
N PRO A 147 -28.40 21.55 -2.85
CA PRO A 147 -28.29 22.28 -4.13
C PRO A 147 -26.95 22.21 -4.84
N TYR A 148 -26.15 21.18 -4.56
CA TYR A 148 -24.83 21.03 -5.20
C TYR A 148 -24.75 19.79 -6.08
N HIS A 149 -23.76 19.77 -6.98
CA HIS A 149 -23.58 18.68 -7.94
C HIS A 149 -22.53 17.68 -7.50
N LYS A 150 -22.62 16.47 -8.04
CA LYS A 150 -21.66 15.41 -7.74
C LYS A 150 -20.38 15.72 -8.48
N ASP A 151 -19.22 15.51 -7.82
CA ASP A 151 -17.97 15.81 -8.49
C ASP A 151 -17.19 14.58 -8.92
N GLU A 152 -17.45 14.16 -10.16
CA GLU A 152 -16.75 13.01 -10.73
C GLU A 152 -15.43 13.41 -11.40
N SER A 153 -14.95 14.66 -11.21
CA SER A 153 -13.73 15.17 -11.79
C SER A 153 -12.53 14.26 -11.51
N HIS A 154 -12.38 13.83 -10.24
CA HIS A 154 -11.31 12.93 -9.88
C HIS A 154 -11.54 11.57 -10.53
N PRO A 155 -10.48 10.96 -11.09
CA PRO A 155 -10.66 9.67 -11.74
C PRO A 155 -10.80 8.48 -10.78
N PHE A 156 -10.60 8.70 -9.47
CA PHE A 156 -10.62 7.60 -8.53
C PHE A 156 -11.77 7.61 -7.52
N TYR A 157 -12.27 8.78 -7.12
CA TYR A 157 -13.40 8.83 -6.19
C TYR A 157 -14.37 9.96 -6.53
N ARG A 158 -15.61 9.84 -6.05
CA ARG A 158 -16.65 10.84 -6.31
C ARG A 158 -17.14 11.48 -5.00
N TYR A 159 -17.91 12.57 -5.13
CA TYR A 159 -18.53 13.17 -3.97
C TYR A 159 -19.99 13.41 -4.25
N ASP A 160 -20.87 12.74 -3.48
CA ASP A 160 -22.30 12.94 -3.61
C ASP A 160 -22.75 13.83 -2.47
N PRO A 161 -23.02 15.11 -2.77
CA PRO A 161 -23.42 16.03 -1.70
C PRO A 161 -24.77 15.67 -1.11
N ASP A 162 -25.72 15.20 -1.94
CA ASP A 162 -27.03 14.81 -1.44
C ASP A 162 -26.94 13.68 -0.40
N GLN A 163 -25.89 12.84 -0.47
CA GLN A 163 -25.67 11.76 0.51
C GLN A 163 -24.73 12.16 1.65
N CYS A 164 -24.18 13.40 1.65
CA CYS A 164 -23.27 13.83 2.69
C CYS A 164 -23.96 14.19 3.99
N ILE A 165 -23.49 13.60 5.08
CA ILE A 165 -24.08 13.86 6.39
C ILE A 165 -23.24 14.79 7.25
N LEU A 166 -22.27 15.52 6.67
CA LEU A 166 -21.44 16.47 7.41
C LEU A 166 -20.88 15.93 8.72
N CYS A 167 -20.51 14.66 8.70
CA CYS A 167 -19.87 14.03 9.84
C CYS A 167 -18.43 14.56 9.97
N GLY A 168 -17.81 14.97 8.86
CA GLY A 168 -16.47 15.52 8.86
C GLY A 168 -15.41 14.49 9.17
N ARG A 169 -15.72 13.19 8.96
CA ARG A 169 -14.71 12.16 9.18
C ARG A 169 -13.63 12.31 8.08
N CYS A 170 -14.06 12.62 6.84
CA CYS A 170 -13.16 12.87 5.73
C CYS A 170 -12.28 14.09 6.03
N VAL A 171 -12.88 15.17 6.55
CA VAL A 171 -12.18 16.42 6.89
C VAL A 171 -11.14 16.21 7.99
N GLU A 172 -11.51 15.44 9.02
CA GLU A 172 -10.57 15.15 10.09
C GLU A 172 -9.42 14.26 9.58
N ALA A 173 -9.68 13.40 8.59
CA ALA A 173 -8.65 12.53 8.05
C ALA A 173 -7.68 13.25 7.16
N CYS A 174 -8.17 14.08 6.25
CA CYS A 174 -7.31 14.79 5.31
C CYS A 174 -6.38 15.80 6.00
N GLN A 175 -6.85 16.42 7.08
CA GLN A 175 -6.09 17.44 7.79
C GLN A 175 -5.15 16.89 8.87
N ASP A 176 -5.61 15.91 9.65
CA ASP A 176 -4.83 15.41 10.78
C ASP A 176 -4.25 14.02 10.60
N VAL A 177 -4.77 13.23 9.65
CA VAL A 177 -4.27 11.88 9.43
C VAL A 177 -3.33 11.86 8.21
N GLN A 178 -3.86 12.16 7.02
CA GLN A 178 -3.06 12.27 5.81
C GLN A 178 -2.17 13.51 5.88
N VAL A 179 -2.67 14.59 6.52
CA VAL A 179 -1.99 15.86 6.72
C VAL A 179 -1.59 16.44 5.36
N THR A 180 -2.60 16.58 4.53
CA THR A 180 -2.53 17.18 3.20
C THR A 180 -3.34 18.51 3.22
N GLU A 181 -4.42 18.55 4.03
CA GLU A 181 -5.25 19.72 4.31
C GLU A 181 -5.96 20.28 3.09
N THR A 182 -6.65 19.42 2.32
CA THR A 182 -7.43 19.80 1.15
C THR A 182 -8.93 19.92 1.53
N LEU A 183 -9.41 18.92 2.30
CA LEU A 183 -10.79 18.76 2.76
C LEU A 183 -11.19 19.65 3.94
N THR A 184 -12.24 20.43 3.74
CA THR A 184 -12.83 21.38 4.70
C THR A 184 -14.36 21.41 4.54
N ILE A 185 -15.09 21.98 5.51
CA ILE A 185 -16.54 22.08 5.41
C ILE A 185 -16.96 23.53 5.59
N ASP A 186 -17.64 24.11 4.59
CA ASP A 186 -18.09 25.48 4.70
C ASP A 186 -19.36 25.54 5.52
N TRP A 187 -19.23 25.84 6.81
CA TRP A 187 -20.38 25.94 7.69
C TRP A 187 -21.16 27.24 7.52
N GLU A 188 -20.54 28.28 6.97
CA GLU A 188 -21.21 29.56 6.76
C GLU A 188 -22.32 29.51 5.71
N ARG A 189 -22.30 28.50 4.83
CA ARG A 189 -23.29 28.33 3.77
C ARG A 189 -24.68 27.88 4.30
N LYS A 190 -25.74 28.10 3.50
CA LYS A 190 -27.11 27.71 3.84
C LYS A 190 -27.16 26.20 4.05
N ARG A 191 -26.56 25.45 3.10
CA ARG A 191 -26.42 24.02 3.20
C ARG A 191 -24.94 23.76 3.28
N PRO A 192 -24.40 23.50 4.46
CA PRO A 192 -22.96 23.25 4.58
C PRO A 192 -22.59 21.99 3.81
N ARG A 193 -21.49 22.04 3.05
CA ARG A 193 -21.06 20.91 2.24
C ARG A 193 -19.55 20.73 2.30
N VAL A 194 -19.07 19.52 1.93
CA VAL A 194 -17.64 19.25 1.95
C VAL A 194 -16.99 19.86 0.75
N ILE A 195 -16.13 20.84 1.01
CA ILE A 195 -15.43 21.58 -0.02
C ILE A 195 -13.97 21.15 -0.16
N TRP A 196 -13.42 21.45 -1.33
CA TRP A 196 -12.05 21.16 -1.69
C TRP A 196 -11.36 22.49 -1.96
N ASP A 197 -10.39 22.87 -1.09
CA ASP A 197 -9.66 24.13 -1.20
C ASP A 197 -10.67 25.30 -1.02
N ASN A 198 -11.00 26.08 -2.07
CA ASN A 198 -11.98 27.14 -1.97
C ASN A 198 -13.14 26.78 -2.88
N ASP A 199 -13.72 25.61 -2.61
CA ASP A 199 -14.80 25.01 -3.38
C ASP A 199 -14.42 24.86 -4.85
N VAL A 200 -13.23 24.31 -5.06
CA VAL A 200 -12.60 24.04 -6.35
C VAL A 200 -12.88 22.57 -6.70
N PRO A 201 -13.20 22.25 -7.97
CA PRO A 201 -13.40 20.84 -8.34
C PRO A 201 -12.20 19.98 -8.01
N ILE A 202 -12.44 18.75 -7.52
CA ILE A 202 -11.40 17.85 -7.03
C ILE A 202 -10.21 17.69 -7.99
N ASN A 203 -10.43 17.54 -9.32
CA ASN A 203 -9.28 17.38 -10.22
C ASN A 203 -8.38 18.60 -10.23
N GLU A 204 -8.97 19.80 -10.19
CA GLU A 204 -8.20 21.03 -10.20
C GLU A 204 -7.56 21.39 -8.85
N SER A 205 -8.05 20.76 -7.75
CA SER A 205 -7.60 21.02 -6.37
C SER A 205 -6.25 20.34 -5.96
N SER A 206 -5.74 20.66 -4.75
CA SER A 206 -4.49 20.12 -4.20
C SER A 206 -4.71 18.74 -3.59
N CYS A 207 -5.40 17.86 -4.32
CA CYS A 207 -5.69 16.54 -3.83
C CYS A 207 -4.60 15.56 -4.14
N VAL A 208 -3.99 15.04 -3.10
CA VAL A 208 -2.92 14.05 -3.16
C VAL A 208 -3.41 12.64 -3.66
N SER A 209 -4.76 12.42 -3.69
CA SER A 209 -5.42 11.20 -4.16
C SER A 209 -5.09 9.97 -3.34
N CYS A 210 -4.81 10.16 -2.05
CA CYS A 210 -4.48 9.04 -1.18
C CYS A 210 -5.64 8.05 -1.02
N GLY A 211 -6.86 8.57 -0.89
CA GLY A 211 -8.07 7.76 -0.73
C GLY A 211 -8.54 7.58 0.71
N HIS A 212 -7.98 8.36 1.64
CA HIS A 212 -8.34 8.34 3.05
C HIS A 212 -9.80 8.72 3.22
N CYS A 213 -10.23 9.85 2.61
CA CYS A 213 -11.58 10.41 2.68
C CYS A 213 -12.68 9.36 2.44
N SER A 214 -12.45 8.43 1.48
CA SER A 214 -13.34 7.32 1.05
C SER A 214 -13.27 6.14 2.03
N THR A 215 -12.09 5.94 2.64
CA THR A 215 -11.87 4.92 3.65
C THR A 215 -12.64 5.33 4.91
N VAL A 216 -12.54 6.61 5.31
CA VAL A 216 -13.15 7.08 6.55
C VAL A 216 -14.59 7.56 6.44
N CYS A 217 -15.18 7.65 5.23
CA CYS A 217 -16.57 8.08 5.12
C CYS A 217 -17.45 6.89 5.54
N PRO A 218 -18.53 7.14 6.32
CA PRO A 218 -19.40 6.02 6.78
C PRO A 218 -20.49 5.54 5.80
N CYS A 219 -20.82 6.39 4.81
CA CYS A 219 -21.83 6.14 3.80
C CYS A 219 -21.26 6.35 2.37
N ASN A 220 -22.13 6.31 1.34
CA ASN A 220 -21.69 6.44 -0.05
C ASN A 220 -21.38 7.88 -0.53
N ALA A 221 -21.38 8.88 0.37
CA ALA A 221 -21.08 10.26 -0.03
C ALA A 221 -19.67 10.36 -0.65
N MET A 222 -18.64 9.83 0.04
CA MET A 222 -17.28 9.77 -0.48
C MET A 222 -17.07 8.31 -0.84
N MET A 223 -17.07 8.02 -2.14
CA MET A 223 -16.94 6.64 -2.58
C MET A 223 -16.01 6.51 -3.76
N GLU A 224 -15.23 5.42 -3.78
CA GLU A 224 -14.31 5.11 -4.89
C GLU A 224 -15.15 4.78 -6.10
N LYS A 225 -14.86 5.40 -7.23
CA LYS A 225 -15.62 5.23 -8.45
C LYS A 225 -15.65 3.81 -9.02
N GLY A 226 -14.76 2.94 -8.52
CA GLY A 226 -14.69 1.55 -8.97
C GLY A 226 -15.80 0.64 -8.49
N MET A 227 -16.64 1.14 -7.57
CA MET A 227 -17.78 0.42 -6.98
C MET A 227 -19.13 0.84 -7.58
N GLU A 228 -19.22 2.10 -8.08
CA GLU A 228 -20.43 2.66 -8.66
C GLU A 228 -21.06 1.77 -9.76
N GLY A 229 -22.20 1.19 -9.45
CA GLY A 229 -22.92 0.31 -10.37
C GLY A 229 -22.27 -1.05 -10.55
N GLU A 230 -21.52 -1.50 -9.55
CA GLU A 230 -20.79 -2.74 -9.65
C GLU A 230 -20.94 -3.63 -8.41
N ALA A 231 -21.22 -3.04 -7.24
CA ALA A 231 -21.29 -3.80 -5.97
C ALA A 231 -22.40 -4.85 -5.86
N GLY A 232 -23.65 -4.47 -6.12
CA GLY A 232 -24.77 -5.38 -6.00
C GLY A 232 -25.31 -5.95 -7.29
N TYR A 233 -26.55 -6.40 -7.22
CA TYR A 233 -27.24 -7.00 -8.35
C TYR A 233 -28.16 -5.97 -8.98
N LEU A 234 -28.88 -5.21 -8.14
CA LEU A 234 -29.76 -4.14 -8.61
C LEU A 234 -29.03 -2.82 -8.87
N THR A 235 -27.72 -2.74 -8.58
CA THR A 235 -26.95 -1.53 -8.78
C THR A 235 -26.63 -1.24 -10.26
N GLY A 236 -26.69 -2.27 -11.12
CA GLY A 236 -26.40 -2.13 -12.53
C GLY A 236 -27.41 -1.28 -13.30
N ILE A 237 -28.65 -1.20 -12.78
CA ILE A 237 -29.75 -0.43 -13.36
C ILE A 237 -29.36 1.02 -13.59
N ASN A 238 -29.61 1.55 -14.80
CA ASN A 238 -29.30 2.95 -15.12
C ASN A 238 -30.02 3.90 -14.20
N ASN A 239 -29.37 5.00 -13.83
CA ASN A 239 -29.96 5.96 -12.90
C ASN A 239 -31.28 6.54 -13.41
N GLU A 240 -31.44 6.64 -14.75
CA GLU A 240 -32.68 7.18 -15.34
C GLU A 240 -33.90 6.32 -15.02
N THR A 241 -33.71 5.02 -14.81
CA THR A 241 -34.79 4.13 -14.45
C THR A 241 -34.75 3.78 -12.94
N LEU A 242 -33.56 3.85 -12.31
CA LEU A 242 -33.39 3.57 -10.90
C LEU A 242 -33.92 4.68 -10.01
N ARG A 243 -33.88 5.94 -10.48
CA ARG A 243 -34.42 7.06 -9.70
C ARG A 243 -35.94 6.94 -9.53
N PRO A 244 -36.74 6.70 -10.59
CA PRO A 244 -38.19 6.50 -10.39
C PRO A 244 -38.44 5.27 -9.51
N MET A 245 -37.64 4.20 -9.69
CA MET A 245 -37.70 2.97 -8.90
C MET A 245 -37.64 3.26 -7.40
N ILE A 246 -36.85 4.27 -7.02
CA ILE A 246 -36.67 4.71 -5.64
C ILE A 246 -37.86 5.55 -5.18
N GLU A 247 -38.36 6.44 -6.03
CA GLU A 247 -39.51 7.27 -5.68
C GLU A 247 -40.75 6.45 -5.46
N ILE A 248 -40.94 5.41 -6.26
CA ILE A 248 -42.07 4.52 -6.12
C ILE A 248 -41.96 3.75 -4.78
N THR A 249 -40.74 3.35 -4.39
CA THR A 249 -40.46 2.63 -3.16
C THR A 249 -40.79 3.47 -1.94
N LYS A 250 -40.40 4.74 -1.94
CA LYS A 250 -40.65 5.64 -0.81
C LYS A 250 -42.13 5.86 -0.58
N GLY A 251 -42.87 6.03 -1.67
CA GLY A 251 -44.30 6.28 -1.60
C GLY A 251 -45.07 5.13 -1.01
N VAL A 252 -44.66 3.90 -1.34
CA VAL A 252 -45.36 2.70 -0.90
C VAL A 252 -44.95 2.23 0.49
N GLU A 253 -43.65 2.27 0.81
CA GLU A 253 -43.14 1.73 2.06
C GLU A 253 -43.86 2.23 3.32
N THR A 254 -43.94 1.33 4.31
CA THR A 254 -44.59 1.58 5.58
C THR A 254 -43.51 2.01 6.60
N GLY A 255 -42.66 1.07 7.04
CA GLY A 255 -41.59 1.35 7.98
C GLY A 255 -40.25 0.92 7.44
N TYR A 256 -39.18 1.54 7.94
CA TYR A 256 -37.83 1.20 7.51
C TYR A 256 -37.48 -0.24 7.80
N GLY A 257 -37.97 -0.77 8.93
CA GLY A 257 -37.72 -2.13 9.36
C GLY A 257 -37.93 -3.21 8.31
N SER A 258 -39.01 -3.10 7.56
CA SER A 258 -39.32 -4.07 6.52
C SER A 258 -38.42 -3.97 5.29
N ILE A 259 -38.33 -2.77 4.69
CA ILE A 259 -37.52 -2.58 3.48
C ILE A 259 -36.02 -2.75 3.77
N LEU A 260 -35.57 -2.36 4.97
CA LEU A 260 -34.19 -2.55 5.38
C LEU A 260 -33.86 -4.04 5.43
N ALA A 261 -34.80 -4.87 5.89
CA ALA A 261 -34.58 -6.31 5.92
C ALA A 261 -34.39 -6.87 4.53
N ILE A 262 -35.14 -6.37 3.54
CA ILE A 262 -34.99 -6.81 2.15
C ILE A 262 -33.61 -6.44 1.65
N SER A 263 -33.17 -5.21 1.94
CA SER A 263 -31.86 -4.73 1.53
C SER A 263 -30.75 -5.57 2.13
N ASP A 264 -30.92 -6.03 3.38
CA ASP A 264 -29.95 -6.90 4.01
C ASP A 264 -29.82 -8.22 3.27
N MET A 265 -30.90 -8.68 2.63
CA MET A 265 -30.89 -9.89 1.83
C MET A 265 -30.05 -9.69 0.56
N GLU A 266 -30.16 -8.52 -0.13
CA GLU A 266 -29.31 -8.26 -1.30
C GLU A 266 -27.86 -8.19 -0.86
N SER A 267 -27.61 -7.53 0.27
CA SER A 267 -26.29 -7.39 0.88
C SER A 267 -25.71 -8.77 1.18
N ALA A 268 -26.55 -9.70 1.64
CA ALA A 268 -26.10 -11.05 1.94
C ALA A 268 -25.80 -11.81 0.65
N MET A 269 -26.64 -11.64 -0.37
CA MET A 269 -26.39 -12.27 -1.65
C MET A 269 -25.08 -11.77 -2.28
N ARG A 270 -24.62 -10.57 -1.89
CA ARG A 270 -23.39 -9.96 -2.39
C ARG A 270 -22.13 -10.79 -2.10
N ASP A 271 -22.17 -11.64 -1.06
CA ASP A 271 -21.05 -12.52 -0.71
C ASP A 271 -20.73 -13.53 -1.81
N GLU A 272 -21.71 -13.86 -2.65
CA GLU A 272 -21.55 -14.80 -3.73
C GLU A 272 -20.59 -14.28 -4.78
N ARG A 273 -20.75 -13.02 -5.17
CA ARG A 273 -19.93 -12.46 -6.24
C ARG A 273 -18.69 -11.66 -5.79
N ILE A 274 -18.71 -11.02 -4.61
CA ILE A 274 -17.58 -10.19 -4.15
C ILE A 274 -16.58 -10.96 -3.25
N LYS A 275 -15.27 -10.83 -3.56
CA LYS A 275 -14.23 -11.48 -2.77
C LYS A 275 -13.28 -10.45 -2.18
N LYS A 276 -12.92 -10.61 -0.90
CA LYS A 276 -12.00 -9.69 -0.25
C LYS A 276 -10.76 -10.45 0.16
N THR A 277 -9.60 -10.09 -0.41
CA THR A 277 -8.35 -10.81 -0.11
C THR A 277 -7.24 -9.90 0.47
N LYS A 278 -6.67 -10.27 1.63
CA LYS A 278 -5.63 -9.45 2.25
C LYS A 278 -4.34 -9.48 1.45
N THR A 279 -3.72 -8.31 1.24
CA THR A 279 -2.47 -8.24 0.50
C THR A 279 -1.50 -7.22 1.10
N VAL A 280 -0.21 -7.31 0.73
CA VAL A 280 0.82 -6.35 1.14
C VAL A 280 1.19 -5.56 -0.14
N CYS A 281 1.18 -4.23 -0.07
CA CYS A 281 1.43 -3.38 -1.25
C CYS A 281 2.77 -3.61 -1.91
N THR A 282 2.77 -3.74 -3.25
CA THR A 282 3.99 -3.92 -4.03
C THR A 282 4.54 -2.61 -4.58
N TYR A 283 4.36 -1.52 -3.84
CA TYR A 283 4.88 -0.23 -4.25
C TYR A 283 6.09 0.10 -3.41
N CYS A 284 5.91 0.80 -2.28
CA CYS A 284 7.03 1.15 -1.43
C CYS A 284 7.16 0.22 -0.24
N GLY A 285 8.30 0.33 0.42
CA GLY A 285 8.65 -0.47 1.58
C GLY A 285 7.94 -0.10 2.86
N VAL A 286 6.87 0.72 2.80
CA VAL A 286 6.11 1.05 4.02
C VAL A 286 5.47 -0.25 4.60
N GLY A 287 4.95 -1.10 3.71
CA GLY A 287 4.36 -2.36 4.13
C GLY A 287 2.89 -2.24 4.47
N CYS A 288 2.17 -1.55 3.61
CA CYS A 288 0.75 -1.37 3.82
C CYS A 288 -0.05 -2.63 3.48
N SER A 289 -0.77 -3.08 4.48
CA SER A 289 -1.63 -4.25 4.37
C SER A 289 -3.08 -3.75 4.21
N PHE A 290 -3.83 -4.42 3.33
CA PHE A 290 -5.22 -4.03 3.07
C PHE A 290 -5.98 -5.09 2.29
N ASP A 291 -7.31 -5.08 2.41
CA ASP A 291 -8.15 -6.01 1.66
C ASP A 291 -8.41 -5.49 0.25
N VAL A 292 -8.65 -6.41 -0.67
CA VAL A 292 -8.92 -6.07 -2.08
C VAL A 292 -10.28 -6.66 -2.51
N TRP A 293 -11.28 -5.79 -2.63
CA TRP A 293 -12.62 -6.18 -3.00
C TRP A 293 -12.69 -6.37 -4.50
N THR A 294 -12.66 -7.62 -4.96
CA THR A 294 -12.70 -7.93 -6.39
C THR A 294 -13.93 -8.77 -6.79
N LYS A 295 -14.47 -8.48 -7.96
CA LYS A 295 -15.60 -9.19 -8.54
C LYS A 295 -15.13 -9.76 -9.87
N GLY A 296 -14.65 -10.99 -9.83
CA GLY A 296 -14.10 -11.63 -11.01
C GLY A 296 -12.69 -11.10 -11.15
N ARG A 297 -12.40 -10.46 -12.27
CA ARG A 297 -11.09 -9.85 -12.46
C ARG A 297 -11.09 -8.37 -12.09
N ASP A 298 -12.27 -7.69 -12.12
CA ASP A 298 -12.32 -6.27 -11.80
C ASP A 298 -12.22 -5.96 -10.29
N ILE A 299 -11.53 -4.88 -9.98
CA ILE A 299 -11.33 -4.42 -8.61
C ILE A 299 -12.31 -3.31 -8.36
N LEU A 300 -13.09 -3.44 -7.31
CA LEU A 300 -14.10 -2.45 -6.97
C LEU A 300 -13.47 -1.43 -6.06
N LYS A 301 -12.75 -1.90 -5.03
CA LYS A 301 -12.11 -1.02 -4.05
C LYS A 301 -11.00 -1.73 -3.28
N VAL A 302 -10.01 -0.94 -2.81
CA VAL A 302 -8.96 -1.39 -1.91
C VAL A 302 -9.51 -0.97 -0.54
N GLU A 303 -9.93 -1.94 0.29
CA GLU A 303 -10.52 -1.60 1.58
C GLU A 303 -9.56 -1.83 2.73
N PRO A 304 -8.91 -0.75 3.20
CA PRO A 304 -7.97 -0.92 4.32
C PRO A 304 -8.70 -1.27 5.60
N GLN A 305 -8.11 -2.16 6.38
CA GLN A 305 -8.71 -2.60 7.63
C GLN A 305 -7.95 -2.01 8.80
N GLU A 306 -8.70 -1.53 9.80
CA GLU A 306 -8.19 -0.88 11.00
C GLU A 306 -7.04 -1.62 11.67
N GLU A 307 -7.11 -2.94 11.69
CA GLU A 307 -6.08 -3.76 12.31
C GLU A 307 -4.82 -3.93 11.50
N ALA A 308 -4.65 -3.22 10.37
CA ALA A 308 -3.45 -3.35 9.55
C ALA A 308 -2.23 -2.92 10.35
N PRO A 309 -1.16 -3.72 10.31
CA PRO A 309 0.00 -3.44 11.17
C PRO A 309 0.79 -2.15 10.87
N ALA A 310 1.12 -1.88 9.61
CA ALA A 310 1.95 -0.72 9.30
C ALA A 310 1.20 0.53 8.83
N ASN A 311 -0.14 0.45 8.65
CA ASN A 311 -0.89 1.59 8.13
C ASN A 311 -2.26 1.84 8.72
N GLY A 312 -2.90 0.79 9.18
CA GLY A 312 -4.25 0.88 9.69
C GLY A 312 -5.20 1.17 8.54
N ILE A 313 -5.72 2.39 8.51
CA ILE A 313 -6.60 2.79 7.41
C ILE A 313 -5.93 3.80 6.46
N SER A 314 -4.58 3.88 6.49
CA SER A 314 -3.82 4.78 5.65
C SER A 314 -3.27 4.12 4.39
N THR A 315 -3.26 4.91 3.32
CA THR A 315 -2.85 4.55 1.99
C THR A 315 -2.24 5.78 1.29
N CYS A 316 -1.52 5.53 0.21
CA CYS A 316 -1.07 6.57 -0.69
C CYS A 316 -2.00 6.44 -1.95
N VAL A 317 -1.69 7.18 -3.02
CA VAL A 317 -2.45 7.09 -4.26
C VAL A 317 -2.35 5.67 -4.85
N LYS A 318 -1.11 5.17 -4.92
CA LYS A 318 -0.75 3.89 -5.51
C LYS A 318 -1.36 2.66 -4.83
N GLY A 319 -1.32 2.63 -3.50
CA GLY A 319 -1.87 1.50 -2.76
C GLY A 319 -3.38 1.36 -2.86
N LYS A 320 -4.11 2.50 -2.93
CA LYS A 320 -5.56 2.43 -2.99
C LYS A 320 -6.12 2.42 -4.41
N PHE A 321 -5.36 2.91 -5.41
CA PHE A 321 -5.90 2.98 -6.77
C PHE A 321 -5.01 2.50 -7.91
N GLY A 322 -3.75 2.22 -7.62
CA GLY A 322 -2.81 1.83 -8.66
C GLY A 322 -2.69 0.35 -8.98
N TRP A 323 -3.83 -0.32 -9.14
CA TRP A 323 -3.82 -1.74 -9.43
C TRP A 323 -4.30 -2.12 -10.83
N ASP A 324 -4.65 -1.14 -11.66
CA ASP A 324 -5.12 -1.43 -13.01
C ASP A 324 -4.08 -2.07 -13.94
N PHE A 325 -2.82 -2.23 -13.47
CA PHE A 325 -1.76 -2.83 -14.27
C PHE A 325 -1.93 -4.33 -14.39
N VAL A 326 -2.47 -4.99 -13.36
CA VAL A 326 -2.71 -6.45 -13.39
C VAL A 326 -3.60 -6.84 -14.59
N ASN A 327 -4.53 -5.95 -14.97
CA ASN A 327 -5.43 -6.16 -16.10
C ASN A 327 -5.00 -5.29 -17.30
N SER A 328 -3.76 -5.45 -17.75
CA SER A 328 -3.28 -4.70 -18.90
C SER A 328 -3.04 -5.61 -20.10
N GLU A 329 -3.19 -5.07 -21.30
CA GLU A 329 -2.98 -5.85 -22.53
C GLU A 329 -1.50 -6.18 -22.72
N GLU A 330 -0.60 -5.24 -22.31
CA GLU A 330 0.85 -5.41 -22.35
C GLU A 330 1.35 -6.56 -21.44
N ARG A 331 0.46 -7.15 -20.61
CA ARG A 331 0.75 -8.27 -19.72
C ARG A 331 1.19 -9.46 -20.57
N LEU A 332 2.16 -10.23 -20.06
CA LEU A 332 2.65 -11.39 -20.79
C LEU A 332 1.98 -12.63 -20.25
N THR A 333 1.34 -13.41 -21.13
CA THR A 333 0.66 -14.63 -20.70
C THR A 333 1.44 -15.88 -21.03
N LYS A 334 1.93 -16.02 -22.27
CA LYS A 334 2.67 -17.22 -22.67
C LYS A 334 4.16 -16.92 -22.79
N PRO A 335 5.05 -17.85 -22.36
CA PRO A 335 6.51 -17.59 -22.44
C PRO A 335 7.03 -17.26 -23.84
N LEU A 336 8.08 -16.44 -23.92
CA LEU A 336 8.64 -16.04 -25.22
C LEU A 336 10.02 -16.62 -25.49
N ILE A 337 10.31 -16.86 -26.76
CA ILE A 337 11.62 -17.34 -27.20
C ILE A 337 12.06 -16.48 -28.38
N ARG A 338 13.35 -16.21 -28.46
CA ARG A 338 13.91 -15.40 -29.51
C ARG A 338 13.95 -16.14 -30.83
N GLU A 339 13.53 -15.46 -31.90
CA GLU A 339 13.53 -16.07 -33.23
C GLU A 339 13.89 -15.02 -34.25
N GLY A 340 15.17 -14.69 -34.29
CA GLY A 340 15.67 -13.68 -35.21
C GLY A 340 15.20 -12.29 -34.85
N ASP A 341 14.49 -11.66 -35.77
CA ASP A 341 13.99 -10.30 -35.60
C ASP A 341 12.69 -10.20 -34.79
N HIS A 342 12.28 -11.27 -34.10
CA HIS A 342 11.05 -11.26 -33.33
C HIS A 342 11.04 -12.21 -32.13
N PHE A 343 10.03 -12.08 -31.26
CA PHE A 343 9.81 -12.96 -30.13
C PHE A 343 8.61 -13.80 -30.50
N ARG A 344 8.77 -15.12 -30.65
CA ARG A 344 7.64 -15.99 -30.97
C ARG A 344 7.06 -16.62 -29.70
N GLU A 345 5.75 -16.81 -29.69
CA GLU A 345 5.09 -17.41 -28.54
C GLU A 345 5.44 -18.88 -28.51
N ALA A 346 5.84 -19.38 -27.34
CA ALA A 346 6.22 -20.78 -27.20
C ALA A 346 5.61 -21.45 -25.97
N GLU A 347 5.45 -22.78 -26.01
CA GLU A 347 4.91 -23.55 -24.91
C GLU A 347 5.83 -23.58 -23.71
N TRP A 348 5.25 -23.76 -22.52
CA TRP A 348 6.02 -23.79 -21.28
C TRP A 348 7.13 -24.84 -21.26
N GLU A 349 6.80 -26.11 -21.53
CA GLU A 349 7.77 -27.19 -21.51
C GLU A 349 8.89 -27.03 -22.53
N GLU A 350 8.57 -26.57 -23.75
CA GLU A 350 9.58 -26.37 -24.78
C GLU A 350 10.51 -25.19 -24.49
N ALA A 351 10.08 -24.25 -23.63
CA ALA A 351 10.90 -23.12 -23.23
C ALA A 351 11.75 -23.53 -22.03
N LEU A 352 11.15 -24.27 -21.06
CA LEU A 352 11.84 -24.78 -19.88
C LEU A 352 12.96 -25.75 -20.26
N LEU A 353 12.84 -26.42 -21.39
CA LEU A 353 13.86 -27.34 -21.87
C LEU A 353 15.02 -26.56 -22.48
N LEU A 354 14.71 -25.50 -23.24
CA LEU A 354 15.71 -24.66 -23.89
C LEU A 354 16.64 -24.01 -22.88
N ILE A 355 16.08 -23.40 -21.83
CA ILE A 355 16.91 -22.75 -20.80
C ILE A 355 17.76 -23.80 -20.08
N ALA A 356 17.21 -24.98 -19.80
CA ALA A 356 17.96 -26.05 -19.15
C ALA A 356 19.11 -26.54 -20.03
N SER A 357 18.90 -26.56 -21.37
CA SER A 357 19.89 -27.02 -22.33
C SER A 357 21.10 -26.11 -22.41
N LYS A 358 20.88 -24.78 -22.43
CA LYS A 358 21.97 -23.81 -22.51
C LYS A 358 22.71 -23.67 -21.18
N PHE A 359 21.98 -23.64 -20.07
CA PHE A 359 22.57 -23.49 -18.73
C PHE A 359 23.59 -24.58 -18.44
N THR A 360 23.23 -25.85 -18.72
CA THR A 360 24.12 -27.01 -18.50
C THR A 360 25.29 -27.00 -19.46
N GLU A 361 25.03 -26.60 -20.71
CA GLU A 361 26.02 -26.49 -21.79
C GLU A 361 27.10 -25.49 -21.42
N LEU A 362 26.71 -24.36 -20.84
CA LEU A 362 27.62 -23.31 -20.41
C LEU A 362 28.31 -23.68 -19.09
N LYS A 363 27.60 -24.38 -18.20
CA LYS A 363 28.12 -24.85 -16.92
C LYS A 363 29.28 -25.80 -17.17
N GLU A 364 29.12 -26.73 -18.12
CA GLU A 364 30.18 -27.67 -18.44
C GLU A 364 31.02 -27.23 -19.62
N ALA A 365 31.43 -25.94 -19.63
CA ALA A 365 32.26 -25.37 -20.66
C ALA A 365 33.05 -24.17 -20.13
N PHE A 366 32.41 -23.35 -19.28
CA PHE A 366 33.05 -22.17 -18.72
C PHE A 366 33.03 -22.13 -17.19
N GLY A 367 32.02 -22.74 -16.58
CA GLY A 367 31.92 -22.79 -15.13
C GLY A 367 30.64 -22.21 -14.56
N PRO A 368 30.35 -22.49 -13.28
CA PRO A 368 29.14 -21.95 -12.65
C PRO A 368 29.16 -20.43 -12.58
N ASP A 369 30.35 -19.85 -12.35
CA ASP A 369 30.56 -18.40 -12.30
C ASP A 369 30.16 -17.69 -13.61
N SER A 370 30.01 -18.42 -14.72
CA SER A 370 29.56 -17.84 -15.99
C SER A 370 28.04 -17.60 -16.04
N LEU A 371 27.32 -17.93 -14.96
CA LEU A 371 25.88 -17.75 -14.88
C LEU A 371 25.56 -16.78 -13.74
N ALA A 372 24.98 -15.63 -14.07
CA ALA A 372 24.60 -14.64 -13.08
C ALA A 372 23.13 -14.79 -12.75
N PHE A 373 22.76 -14.57 -11.49
CA PHE A 373 21.37 -14.70 -11.07
C PHE A 373 20.88 -13.48 -10.33
N ILE A 374 20.12 -12.63 -11.02
CA ILE A 374 19.59 -11.41 -10.45
C ILE A 374 18.16 -11.57 -9.94
N THR A 375 17.98 -11.38 -8.63
CA THR A 375 16.66 -11.46 -8.00
C THR A 375 15.99 -10.07 -8.07
N SER A 376 14.71 -10.00 -7.72
CA SER A 376 14.00 -8.74 -7.69
C SER A 376 13.66 -8.35 -6.27
N SER A 377 13.56 -7.04 -6.01
CA SER A 377 13.10 -6.56 -4.72
C SER A 377 11.56 -6.39 -4.67
N LYS A 378 10.86 -6.96 -5.67
CA LYS A 378 9.41 -7.01 -5.79
C LYS A 378 8.94 -8.39 -5.32
N CYS A 379 9.72 -9.45 -5.63
CA CYS A 379 9.41 -10.83 -5.30
C CYS A 379 9.46 -11.09 -3.80
N THR A 380 8.69 -12.07 -3.33
CA THR A 380 8.56 -12.44 -1.92
C THR A 380 9.86 -13.02 -1.32
N ASN A 381 9.87 -13.23 0.01
CA ASN A 381 10.98 -13.81 0.74
C ASN A 381 11.33 -15.19 0.18
N GLU A 382 10.30 -15.99 -0.14
CA GLU A 382 10.45 -17.33 -0.68
C GLU A 382 11.04 -17.29 -2.06
N GLU A 383 10.57 -16.38 -2.90
CA GLU A 383 11.07 -16.23 -4.25
C GLU A 383 12.55 -15.91 -4.29
N SER A 384 13.01 -15.03 -3.40
CA SER A 384 14.42 -14.68 -3.33
C SER A 384 15.21 -15.89 -2.84
N TYR A 385 14.72 -16.56 -1.79
CA TYR A 385 15.36 -17.75 -1.23
C TYR A 385 15.53 -18.84 -2.28
N LEU A 386 14.52 -19.07 -3.11
CA LEU A 386 14.62 -20.09 -4.15
C LEU A 386 15.50 -19.67 -5.29
N MET A 387 15.57 -18.38 -5.60
CA MET A 387 16.46 -17.89 -6.65
C MET A 387 17.91 -18.10 -6.22
N GLN A 388 18.21 -17.83 -4.94
CA GLN A 388 19.56 -18.06 -4.43
C GLN A 388 19.84 -19.55 -4.27
N LYS A 389 18.82 -20.35 -3.97
CA LYS A 389 18.97 -21.81 -3.85
C LYS A 389 19.26 -22.43 -5.21
N LEU A 390 18.68 -21.88 -6.29
CA LEU A 390 18.94 -22.35 -7.66
C LEU A 390 20.39 -22.04 -8.05
N ALA A 391 20.87 -20.85 -7.71
CA ALA A 391 22.21 -20.44 -8.05
C ALA A 391 23.25 -21.17 -7.23
N ARG A 392 22.99 -21.38 -5.94
CA ARG A 392 23.97 -21.99 -5.05
C ARG A 392 23.87 -23.50 -4.93
N GLY A 393 22.69 -24.03 -4.67
CA GLY A 393 22.49 -25.46 -4.49
C GLY A 393 22.20 -26.27 -5.73
N VAL A 394 22.15 -25.63 -6.91
CA VAL A 394 21.89 -26.34 -8.16
C VAL A 394 22.99 -26.02 -9.17
N ILE A 395 23.21 -24.72 -9.42
CA ILE A 395 24.21 -24.25 -10.37
C ILE A 395 25.61 -24.31 -9.77
N GLY A 396 25.73 -23.98 -8.49
CA GLY A 396 27.01 -24.06 -7.79
C GLY A 396 27.82 -22.78 -7.71
N THR A 397 27.18 -21.62 -7.95
CA THR A 397 27.88 -20.33 -7.87
C THR A 397 27.22 -19.37 -6.86
N ASN A 398 27.96 -18.35 -6.39
CA ASN A 398 27.39 -17.41 -5.43
C ASN A 398 27.00 -16.06 -6.05
N ASN A 399 26.80 -16.01 -7.39
CA ASN A 399 26.42 -14.79 -8.10
C ASN A 399 24.95 -14.44 -7.88
N VAL A 400 24.60 -13.90 -6.70
CA VAL A 400 23.22 -13.58 -6.37
C VAL A 400 23.07 -12.15 -5.92
N ASP A 401 22.28 -11.32 -6.62
CA ASP A 401 22.04 -9.95 -6.15
C ASP A 401 20.71 -9.35 -6.64
N ASN A 402 20.13 -8.49 -5.79
CA ASN A 402 18.89 -7.75 -6.04
C ASN A 402 19.22 -6.25 -6.36
N CYS A 403 18.20 -5.36 -6.46
CA CYS A 403 18.49 -3.94 -6.72
C CYS A 403 18.98 -3.18 -5.47
N SER A 404 19.33 -3.90 -4.38
CA SER A 404 19.88 -3.34 -3.15
C SER A 404 21.36 -2.92 -3.25
N ARG A 405 21.97 -3.05 -4.44
CA ARG A 405 23.36 -2.61 -4.63
C ARG A 405 23.37 -1.07 -4.71
N TYR A 406 22.45 -0.52 -5.48
CA TYR A 406 22.28 0.93 -5.65
C TYR A 406 21.21 1.53 -4.73
N CYS A 407 20.40 0.68 -4.07
CA CYS A 407 19.29 1.07 -3.22
C CYS A 407 19.59 1.01 -1.70
N GLN A 408 19.81 -0.18 -1.14
CA GLN A 408 20.02 -0.32 0.31
C GLN A 408 21.39 -0.81 0.72
N SER A 409 22.42 -0.69 -0.15
CA SER A 409 23.75 -1.17 0.22
C SER A 409 24.40 -0.29 1.28
N PRO A 410 24.43 1.05 1.16
CA PRO A 410 24.96 1.87 2.27
C PRO A 410 24.03 1.81 3.50
N ALA A 411 22.71 1.63 3.27
CA ALA A 411 21.70 1.47 4.32
C ALA A 411 21.96 0.19 5.15
N THR A 412 22.53 -0.85 4.53
CA THR A 412 22.86 -2.09 5.24
C THR A 412 24.29 -1.98 5.84
N ALA A 413 25.30 -1.67 4.99
CA ALA A 413 26.72 -1.57 5.36
C ALA A 413 26.99 -0.57 6.47
N GLY A 414 26.29 0.56 6.42
CA GLY A 414 26.41 1.61 7.42
C GLY A 414 26.02 1.13 8.81
N LEU A 415 24.99 0.27 8.87
CA LEU A 415 24.53 -0.26 10.14
C LEU A 415 25.29 -1.50 10.59
N PHE A 416 25.74 -2.33 9.63
CA PHE A 416 26.49 -3.54 9.98
C PHE A 416 27.81 -3.18 10.66
N ARG A 417 28.48 -2.13 10.16
CA ARG A 417 29.76 -1.65 10.69
C ARG A 417 29.66 -0.98 12.05
N THR A 418 28.45 -0.55 12.46
CA THR A 418 28.28 0.13 13.74
C THR A 418 27.38 -0.58 14.76
N VAL A 419 26.11 -0.89 14.42
CA VAL A 419 25.21 -1.50 15.40
C VAL A 419 25.10 -3.02 15.24
N GLY A 420 25.07 -3.53 14.00
CA GLY A 420 25.05 -4.98 13.80
C GLY A 420 23.98 -5.62 12.92
N TYR A 421 22.87 -4.92 12.63
CA TYR A 421 21.82 -5.50 11.79
C TYR A 421 21.46 -4.57 10.64
N GLY A 422 21.31 -5.12 9.44
CA GLY A 422 20.99 -4.32 8.26
C GLY A 422 19.51 -4.02 8.10
N GLY A 423 18.95 -3.28 9.04
CA GLY A 423 17.54 -2.89 9.03
C GLY A 423 17.20 -1.85 10.08
N ASP A 424 16.00 -1.25 9.98
CA ASP A 424 15.52 -0.21 10.91
C ASP A 424 15.69 -0.59 12.38
N SER A 425 15.84 0.40 13.26
CA SER A 425 15.98 0.12 14.69
C SER A 425 14.65 -0.10 15.43
N GLY A 426 13.53 0.11 14.76
CA GLY A 426 12.21 -0.04 15.33
C GLY A 426 11.10 0.04 14.30
N SER A 427 9.86 0.16 14.76
CA SER A 427 8.72 0.26 13.85
C SER A 427 8.31 1.71 13.55
N ILE A 428 7.42 1.90 12.56
CA ILE A 428 6.93 3.23 12.16
C ILE A 428 6.26 3.95 13.34
N THR A 429 5.64 3.20 14.26
CA THR A 429 4.98 3.79 15.41
C THR A 429 5.97 4.57 16.29
N ASP A 430 7.23 4.08 16.38
CA ASP A 430 8.31 4.74 17.13
C ASP A 430 8.67 6.10 16.55
N ILE A 431 8.47 6.30 15.24
CA ILE A 431 8.74 7.55 14.59
C ILE A 431 7.73 8.58 15.08
N ALA A 432 6.45 8.23 15.15
CA ALA A 432 5.40 9.15 15.59
C ALA A 432 5.46 9.51 17.08
N GLN A 433 6.08 8.65 17.88
CA GLN A 433 6.24 8.87 19.32
C GLN A 433 7.48 9.73 19.61
N ALA A 434 8.52 9.65 18.76
CA ALA A 434 9.78 10.36 18.87
C ALA A 434 9.63 11.85 19.13
N ASP A 435 10.52 12.43 19.95
CA ASP A 435 10.48 13.86 20.22
C ASP A 435 11.08 14.58 19.02
N LEU A 436 12.24 14.11 18.53
CA LEU A 436 12.87 14.70 17.35
C LEU A 436 13.00 13.68 16.24
N VAL A 437 12.68 14.12 15.03
CA VAL A 437 12.81 13.35 13.82
C VAL A 437 13.80 14.08 12.93
N LEU A 438 14.94 13.44 12.68
CA LEU A 438 15.97 13.99 11.82
C LEU A 438 15.80 13.28 10.49
N ILE A 439 15.66 14.04 9.41
CA ILE A 439 15.48 13.50 8.07
C ILE A 439 16.65 13.93 7.23
N ILE A 440 17.42 12.97 6.69
CA ILE A 440 18.60 13.29 5.90
C ILE A 440 18.51 12.73 4.50
N GLY A 441 18.31 13.59 3.51
CA GLY A 441 18.25 13.18 2.12
C GLY A 441 17.14 12.21 1.83
N SER A 442 15.90 12.61 2.10
CA SER A 442 14.76 11.73 1.87
C SER A 442 13.50 12.47 1.43
N ASN A 443 13.03 12.21 0.21
CA ASN A 443 11.78 12.77 -0.28
C ASN A 443 10.70 11.80 0.22
N THR A 444 10.51 11.78 1.55
CA THR A 444 9.60 10.87 2.26
C THR A 444 8.13 11.06 1.89
N SER A 445 7.75 12.26 1.51
CA SER A 445 6.37 12.56 1.11
C SER A 445 5.99 11.82 -0.16
N GLU A 446 6.94 11.73 -1.12
CA GLU A 446 6.72 11.10 -2.43
C GLU A 446 7.56 9.82 -2.63
N SER A 447 7.75 9.03 -1.57
CA SER A 447 8.48 7.77 -1.68
C SER A 447 7.97 6.78 -0.65
N HIS A 448 7.83 7.19 0.61
CA HIS A 448 7.27 6.35 1.68
C HIS A 448 6.16 7.18 2.29
N PRO A 449 5.04 7.34 1.55
CA PRO A 449 4.01 8.30 1.96
C PRO A 449 3.28 8.01 3.27
N VAL A 450 2.84 6.78 3.49
CA VAL A 450 2.13 6.44 4.72
C VAL A 450 3.02 6.70 5.97
N LEU A 451 4.35 6.64 5.80
CA LEU A 451 5.31 6.92 6.85
C LEU A 451 5.25 8.40 7.24
N SER A 452 5.17 9.27 6.24
CA SER A 452 5.12 10.70 6.48
C SER A 452 3.82 11.14 7.16
N THR A 453 2.70 10.46 6.89
CA THR A 453 1.42 10.81 7.54
C THR A 453 1.42 10.49 9.07
N ARG A 454 2.59 10.16 9.62
CA ARG A 454 2.86 9.89 11.02
C ARG A 454 3.76 11.01 11.57
N ILE A 455 4.74 11.45 10.74
CA ILE A 455 5.71 12.50 11.03
C ILE A 455 4.97 13.83 11.00
N LYS A 456 4.20 14.09 9.93
CA LYS A 456 3.41 15.29 9.78
C LYS A 456 2.33 15.35 10.85
N ARG A 457 1.70 14.20 11.15
CA ARG A 457 0.67 14.08 12.17
C ARG A 457 1.21 14.48 13.53
N ALA A 458 2.39 14.00 13.89
CA ALA A 458 2.99 14.33 15.19
C ALA A 458 3.48 15.76 15.21
N HIS A 459 4.01 16.27 14.10
CA HIS A 459 4.44 17.67 14.04
C HIS A 459 3.22 18.60 14.24
N LYS A 460 2.05 18.21 13.71
CA LYS A 460 0.82 18.99 13.80
C LYS A 460 0.11 18.85 15.14
N LEU A 461 -0.04 17.64 15.65
CA LEU A 461 -0.80 17.41 16.87
C LEU A 461 0.03 17.38 18.14
N ARG A 462 1.21 16.81 18.07
CA ARG A 462 2.06 16.64 19.24
C ARG A 462 3.27 17.61 19.30
N GLY A 463 3.44 18.46 18.29
CA GLY A 463 4.56 19.40 18.26
C GLY A 463 5.89 18.68 18.22
N GLN A 464 6.03 17.81 17.24
CA GLN A 464 7.23 17.01 17.09
C GLN A 464 8.33 17.79 16.38
N LYS A 465 9.55 17.73 16.92
CA LYS A 465 10.69 18.42 16.34
C LYS A 465 11.07 17.74 15.04
N VAL A 466 11.05 18.46 13.92
CA VAL A 466 11.42 17.86 12.64
C VAL A 466 12.51 18.66 11.96
N ILE A 467 13.61 17.98 11.64
CA ILE A 467 14.75 18.60 10.98
C ILE A 467 14.92 17.95 9.60
N VAL A 468 14.97 18.76 8.55
CA VAL A 468 15.11 18.23 7.19
C VAL A 468 16.45 18.64 6.62
N ALA A 469 17.14 17.72 5.93
CA ALA A 469 18.45 18.00 5.38
C ALA A 469 18.67 17.41 4.01
N ASP A 470 18.30 18.14 2.95
CA ASP A 470 18.54 17.73 1.57
C ASP A 470 18.50 18.91 0.60
N ILE A 471 18.99 18.72 -0.62
CA ILE A 471 19.09 19.80 -1.60
C ILE A 471 17.74 20.27 -2.17
N ARG A 472 16.65 19.52 -1.98
CA ARG A 472 15.35 19.94 -2.50
C ARG A 472 14.34 20.26 -1.40
N LYS A 473 13.63 21.38 -1.53
CA LYS A 473 12.60 21.76 -0.57
C LYS A 473 11.30 21.04 -0.92
N HIS A 474 11.15 19.78 -0.49
CA HIS A 474 9.94 19.00 -0.77
C HIS A 474 8.84 19.20 0.32
N GLU A 475 7.72 18.45 0.27
CA GLU A 475 6.62 18.62 1.24
C GLU A 475 7.10 18.48 2.67
N MET A 476 7.98 17.51 2.92
CA MET A 476 8.51 17.30 4.26
C MET A 476 9.37 18.47 4.73
N ALA A 477 10.09 19.10 3.81
CA ALA A 477 10.93 20.24 4.13
C ALA A 477 10.11 21.47 4.50
N GLU A 478 9.02 21.76 3.76
CA GLU A 478 8.21 22.94 4.05
C GLU A 478 7.40 22.79 5.33
N ARG A 479 6.97 21.57 5.66
CA ARG A 479 6.22 21.32 6.89
C ARG A 479 7.20 20.98 8.03
N SER A 480 8.38 21.62 8.07
CA SER A 480 9.37 21.30 9.10
C SER A 480 9.76 22.46 10.00
N ASP A 481 10.32 22.14 11.17
CA ASP A 481 10.78 23.13 12.13
C ASP A 481 12.11 23.73 11.71
N LEU A 482 12.99 22.91 11.10
CA LEU A 482 14.29 23.40 10.62
C LEU A 482 14.67 22.72 9.30
N PHE A 483 15.14 23.50 8.33
CA PHE A 483 15.52 22.96 7.03
C PHE A 483 16.89 23.43 6.59
N VAL A 484 17.84 22.51 6.45
CA VAL A 484 19.18 22.86 5.98
C VAL A 484 19.41 22.34 4.56
N GLN A 485 20.22 23.06 3.78
CA GLN A 485 20.51 22.64 2.41
C GLN A 485 22.01 22.43 2.20
N PRO A 486 22.54 21.26 2.57
CA PRO A 486 23.99 21.02 2.37
C PRO A 486 24.36 20.79 0.90
N ARG A 487 25.64 20.91 0.56
CA ARG A 487 26.11 20.66 -0.81
C ARG A 487 26.12 19.13 -1.10
N ALA A 488 26.37 18.73 -2.36
CA ALA A 488 26.39 17.31 -2.71
C ALA A 488 27.60 16.58 -2.15
N GLY A 489 27.35 15.46 -1.47
CA GLY A 489 28.39 14.64 -0.86
C GLY A 489 29.07 15.28 0.34
N SER A 490 28.37 16.19 1.02
CA SER A 490 28.92 16.88 2.17
C SER A 490 28.15 16.66 3.47
N ASP A 491 27.19 15.74 3.49
CA ASP A 491 26.38 15.48 4.67
C ASP A 491 27.21 14.98 5.83
N ILE A 492 28.19 14.13 5.54
CA ILE A 492 29.07 13.55 6.56
C ILE A 492 29.84 14.64 7.32
N VAL A 493 30.18 15.74 6.65
CA VAL A 493 30.91 16.85 7.28
C VAL A 493 30.10 17.44 8.43
N TRP A 494 28.85 17.85 8.17
CA TRP A 494 28.01 18.40 9.22
C TRP A 494 27.60 17.37 10.25
N LEU A 495 27.52 16.09 9.87
CA LEU A 495 27.17 15.03 10.80
C LEU A 495 28.27 14.89 11.84
N ASN A 496 29.53 14.93 11.41
CA ASN A 496 30.66 14.84 12.33
C ASN A 496 30.81 16.10 13.16
N ALA A 497 30.49 17.26 12.59
CA ALA A 497 30.56 18.55 13.28
C ALA A 497 29.57 18.61 14.44
N ILE A 498 28.36 18.08 14.24
CA ILE A 498 27.35 18.05 15.29
C ILE A 498 27.84 17.15 16.43
N ALA A 499 28.37 15.98 16.08
CA ALA A 499 28.89 15.02 17.05
C ALA A 499 30.06 15.62 17.84
N LYS A 500 30.93 16.37 17.15
CA LYS A 500 32.08 17.02 17.74
C LYS A 500 31.60 18.05 18.76
N TYR A 501 30.62 18.88 18.39
CA TYR A 501 30.07 19.90 19.28
C TYR A 501 29.40 19.27 20.49
N LEU A 502 28.65 18.20 20.27
CA LEU A 502 27.90 17.52 21.33
C LEU A 502 28.80 16.85 22.34
N ILE A 503 29.90 16.28 21.90
CA ILE A 503 30.81 15.57 22.78
C ILE A 503 31.74 16.53 23.54
N GLU A 504 32.11 17.66 22.94
CA GLU A 504 32.99 18.63 23.57
C GLU A 504 32.24 19.35 24.68
N ASN A 505 31.01 19.76 24.41
CA ASN A 505 30.22 20.50 25.37
C ASN A 505 29.48 19.63 26.39
N GLY A 506 29.89 18.37 26.53
CA GLY A 506 29.30 17.43 27.48
C GLY A 506 27.82 17.16 27.26
N LYS A 507 27.31 17.47 26.07
CA LYS A 507 25.91 17.27 25.76
C LYS A 507 25.55 15.81 25.48
N ALA A 508 26.52 15.03 24.98
CA ALA A 508 26.34 13.61 24.64
C ALA A 508 26.06 12.73 25.86
N ASP A 509 25.29 11.64 25.66
CA ASP A 509 24.98 10.71 26.75
C ASP A 509 26.20 9.88 27.07
N GLU A 510 26.93 10.25 28.12
CA GLU A 510 28.16 9.55 28.48
C GLU A 510 27.92 8.20 29.15
N ARG A 511 26.78 8.05 29.85
CA ARG A 511 26.43 6.78 30.51
C ARG A 511 26.34 5.66 29.46
N PHE A 512 25.72 5.94 28.32
CA PHE A 512 25.56 5.05 27.18
C PHE A 512 26.91 4.72 26.57
N LEU A 513 27.79 5.73 26.45
CA LEU A 513 29.12 5.59 25.89
C LEU A 513 30.01 4.65 26.69
N ARG A 514 29.83 4.64 28.02
CA ARG A 514 30.60 3.73 28.85
C ARG A 514 29.93 2.36 28.84
N GLU A 515 28.63 2.31 29.14
CA GLU A 515 27.86 1.06 29.21
C GLU A 515 27.83 0.24 27.91
N ARG A 516 27.19 0.75 26.84
CA ARG A 516 27.02 -0.02 25.61
C ARG A 516 27.85 0.40 24.41
N VAL A 517 28.90 1.22 24.59
CA VAL A 517 29.70 1.67 23.46
C VAL A 517 31.15 1.23 23.57
N ASN A 518 31.68 0.64 22.50
CA ASN A 518 33.04 0.14 22.44
C ASN A 518 33.90 0.96 21.49
N GLY A 519 34.74 1.84 22.03
CA GLY A 519 35.63 2.65 21.21
C GLY A 519 35.28 4.12 21.13
N ARG A 520 35.23 4.80 22.29
CA ARG A 520 34.90 6.22 22.33
C ARG A 520 36.09 7.11 21.92
N ASP A 521 37.18 7.06 22.69
CA ASP A 521 38.38 7.87 22.52
C ASP A 521 38.99 7.79 21.11
N GLU A 522 38.89 6.62 20.47
CA GLU A 522 39.40 6.43 19.13
C GLU A 522 38.58 7.25 18.14
N TYR A 523 37.25 7.26 18.31
CA TYR A 523 36.33 8.01 17.46
C TYR A 523 36.42 9.51 17.74
N VAL A 524 36.67 9.90 18.99
CA VAL A 524 36.81 11.31 19.37
C VAL A 524 37.96 11.95 18.59
N LYS A 525 39.07 11.22 18.44
CA LYS A 525 40.24 11.70 17.71
C LYS A 525 39.95 11.90 16.22
N SER A 526 39.01 11.15 15.64
CA SER A 526 38.67 11.31 14.23
C SER A 526 37.81 12.56 13.96
N LEU A 527 37.13 13.08 14.99
CA LEU A 527 36.31 14.30 14.86
C LEU A 527 37.14 15.59 14.92
N ALA A 528 38.46 15.50 15.15
CA ALA A 528 39.34 16.65 15.28
C ALA A 528 39.27 17.66 14.13
N PRO A 529 39.39 17.28 12.84
CA PRO A 529 39.32 18.31 11.77
C PRO A 529 37.93 18.87 11.49
N TYR A 530 36.91 18.37 12.20
CA TYR A 530 35.55 18.80 11.98
C TYR A 530 35.11 19.90 12.92
N THR A 531 35.77 21.05 12.83
CA THR A 531 35.41 22.19 13.65
C THR A 531 34.11 22.79 13.12
N LEU A 532 33.43 23.60 13.95
CA LEU A 532 32.20 24.26 13.56
C LEU A 532 32.40 25.14 12.32
N GLU A 533 33.55 25.82 12.25
CA GLU A 533 33.90 26.68 11.13
C GLU A 533 34.28 25.89 9.87
N TYR A 534 34.77 24.66 10.03
CA TYR A 534 35.12 23.81 8.90
C TYR A 534 33.87 23.43 8.14
N ALA A 535 32.81 23.07 8.87
CA ALA A 535 31.53 22.68 8.29
C ALA A 535 30.90 23.80 7.50
N GLU A 536 31.06 25.05 7.96
CA GLU A 536 30.51 26.20 7.26
C GLU A 536 31.20 26.39 5.91
N GLU A 537 32.49 26.11 5.83
CA GLU A 537 33.26 26.25 4.60
C GLU A 537 32.92 25.18 3.58
N LYS A 538 32.68 23.96 4.04
CA LYS A 538 32.43 22.84 3.13
C LYS A 538 30.96 22.62 2.77
N THR A 539 30.07 22.62 3.75
CA THR A 539 28.65 22.33 3.51
C THR A 539 27.82 23.49 2.97
N GLY A 540 28.05 24.68 3.51
CA GLY A 540 27.25 25.85 3.14
C GLY A 540 26.09 26.02 4.11
N ILE A 541 26.34 25.71 5.39
CA ILE A 541 25.35 25.86 6.44
C ILE A 541 25.91 26.82 7.46
N ASP A 542 25.30 27.99 7.62
CA ASP A 542 25.76 29.00 8.57
C ASP A 542 25.87 28.45 9.98
N GLN A 543 26.97 28.74 10.68
CA GLN A 543 27.19 28.26 12.04
C GLN A 543 26.08 28.63 13.01
N GLU A 544 25.27 29.65 12.69
CA GLU A 544 24.15 30.07 13.53
C GLU A 544 23.10 28.96 13.54
N THR A 545 22.61 28.54 12.35
CA THR A 545 21.64 27.46 12.27
C THR A 545 22.30 26.10 12.54
N LEU A 546 23.57 25.95 12.15
CA LEU A 546 24.38 24.76 12.37
C LEU A 546 24.53 24.45 13.86
N ILE A 547 24.57 25.49 14.70
CA ILE A 547 24.68 25.30 16.14
C ILE A 547 23.30 25.11 16.78
N GLN A 548 22.24 25.69 16.19
CA GLN A 548 20.89 25.53 16.75
C GLN A 548 20.31 24.15 16.43
N MET A 549 20.74 23.50 15.34
CA MET A 549 20.28 22.14 15.06
C MET A 549 21.03 21.15 15.94
N ALA A 550 22.32 21.39 16.21
CA ALA A 550 23.11 20.54 17.10
C ALA A 550 22.59 20.64 18.51
N GLU A 551 22.20 21.84 18.96
CA GLU A 551 21.66 22.03 20.30
C GLU A 551 20.34 21.31 20.48
N MET A 552 19.52 21.23 19.41
CA MET A 552 18.23 20.56 19.52
C MET A 552 18.37 19.04 19.44
N ILE A 553 19.41 18.52 18.78
CA ILE A 553 19.65 17.08 18.71
C ILE A 553 19.93 16.54 20.12
N GLY A 554 20.77 17.24 20.86
CA GLY A 554 21.11 16.86 22.22
C GLY A 554 20.04 17.20 23.24
N GLN A 555 19.18 18.17 22.93
CA GLN A 555 18.11 18.59 23.83
C GLN A 555 16.98 17.57 23.87
N ALA A 556 16.68 16.95 22.73
CA ALA A 556 15.59 15.98 22.61
C ALA A 556 15.86 14.67 23.34
N ASP A 557 14.80 14.04 23.83
CA ASP A 557 14.85 12.78 24.58
C ASP A 557 15.14 11.61 23.64
N SER A 558 14.51 11.61 22.47
CA SER A 558 14.68 10.53 21.51
C SER A 558 14.79 11.10 20.12
N VAL A 559 15.73 10.57 19.34
CA VAL A 559 16.00 11.03 17.98
C VAL A 559 15.90 9.89 16.97
N CYS A 560 15.06 10.04 15.94
CA CYS A 560 14.93 9.04 14.89
C CYS A 560 15.62 9.57 13.65
N ALA A 561 16.67 8.90 13.20
CA ALA A 561 17.42 9.35 12.04
C ALA A 561 16.99 8.63 10.78
N LEU A 562 16.25 9.33 9.92
CA LEU A 562 15.69 8.76 8.71
C LEU A 562 16.47 9.21 7.50
N TRP A 563 17.24 8.32 6.88
CA TRP A 563 17.95 8.67 5.67
C TRP A 563 17.54 7.80 4.50
N ALA A 564 17.77 8.29 3.28
CA ALA A 564 17.38 7.56 2.09
C ALA A 564 18.45 7.74 0.90
N MET A 565 18.11 7.90 -0.41
CA MET A 565 19.05 7.98 -1.54
C MET A 565 19.93 9.20 -1.52
N GLY A 566 19.48 10.29 -0.92
CA GLY A 566 20.31 11.48 -0.78
C GLY A 566 21.56 11.26 0.07
N VAL A 567 21.70 10.04 0.62
CA VAL A 567 22.81 9.59 1.45
C VAL A 567 23.46 8.36 0.78
N THR A 568 22.62 7.40 0.37
CA THR A 568 23.01 6.13 -0.25
C THR A 568 23.76 6.31 -1.60
N GLN A 569 23.14 6.99 -2.57
CA GLN A 569 23.72 7.13 -3.90
C GLN A 569 24.77 8.23 -4.00
N HIS A 570 25.92 8.00 -3.37
CA HIS A 570 27.04 8.93 -3.37
C HIS A 570 28.38 8.18 -3.43
N ILE A 571 29.48 8.91 -3.71
CA ILE A 571 30.84 8.36 -3.76
C ILE A 571 31.29 7.80 -2.39
N GLY A 572 30.81 8.41 -1.32
CA GLY A 572 31.07 7.96 0.04
C GLY A 572 29.77 7.66 0.76
N GLY A 573 28.87 6.97 0.07
CA GLY A 573 27.54 6.61 0.56
C GLY A 573 27.52 5.84 1.86
N SER A 574 28.45 4.91 2.04
CA SER A 574 28.52 4.12 3.25
C SER A 574 29.12 4.90 4.41
N ASP A 575 30.03 5.85 4.11
CA ASP A 575 30.65 6.68 5.13
C ASP A 575 29.60 7.58 5.76
N THR A 576 28.74 8.22 4.95
CA THR A 576 27.71 9.09 5.50
C THR A 576 26.68 8.27 6.30
N SER A 577 26.43 7.01 5.91
CA SER A 577 25.52 6.15 6.63
C SER A 577 26.07 5.80 8.01
N THR A 578 27.36 5.40 8.09
CA THR A 578 27.99 5.08 9.37
C THR A 578 28.00 6.29 10.30
N ALA A 579 28.22 7.49 9.73
CA ALA A 579 28.25 8.74 10.48
C ALA A 579 26.92 9.03 11.17
N ILE A 580 25.80 8.63 10.56
CA ILE A 580 24.47 8.87 11.13
C ILE A 580 24.21 7.98 12.32
N SER A 581 24.57 6.70 12.21
CA SER A 581 24.33 5.75 13.28
C SER A 581 25.11 6.06 14.57
N ASN A 582 26.44 6.26 14.49
CA ASN A 582 27.20 6.59 15.70
C ASN A 582 26.87 7.98 16.24
N LEU A 583 26.19 8.84 15.48
CA LEU A 583 25.73 10.12 16.01
C LEU A 583 24.56 9.86 16.98
N LEU A 584 23.69 8.89 16.66
CA LEU A 584 22.60 8.48 17.56
C LEU A 584 23.20 7.72 18.75
N LEU A 585 24.22 6.89 18.50
CA LEU A 585 24.95 6.14 19.49
C LEU A 585 25.55 7.08 20.52
N VAL A 586 26.11 8.21 20.07
CA VAL A 586 26.73 9.22 20.92
C VAL A 586 25.70 9.90 21.83
N THR A 587 24.48 10.10 21.35
CA THR A 587 23.43 10.73 22.16
C THR A 587 22.45 9.72 22.81
N GLY A 588 22.78 8.44 22.80
CA GLY A 588 21.98 7.38 23.41
C GLY A 588 20.62 7.15 22.80
N ASN A 589 20.55 7.08 21.47
CA ASN A 589 19.29 6.88 20.78
C ASN A 589 19.17 5.49 20.18
N TYR A 590 19.37 4.46 21.02
CA TYR A 590 19.25 3.04 20.67
C TYR A 590 18.63 2.27 21.83
N GLY A 591 17.89 1.21 21.51
CA GLY A 591 17.21 0.43 22.54
C GLY A 591 16.25 1.22 23.40
N LYS A 592 15.81 2.37 22.89
CA LYS A 592 14.90 3.28 23.55
C LYS A 592 13.62 3.34 22.75
N PRO A 593 12.46 3.21 23.41
CA PRO A 593 11.19 3.25 22.67
C PRO A 593 10.87 4.64 22.12
N GLY A 594 11.22 4.86 20.85
CA GLY A 594 10.99 6.12 20.18
C GLY A 594 12.23 6.69 19.52
N ALA A 595 13.29 5.89 19.36
CA ALA A 595 14.53 6.36 18.76
C ALA A 595 15.28 5.25 18.04
N GLY A 596 16.09 5.64 17.05
CA GLY A 596 16.91 4.70 16.31
C GLY A 596 17.31 5.18 14.94
N SER A 597 17.99 4.31 14.18
CA SER A 597 18.40 4.58 12.81
C SER A 597 17.35 3.96 11.90
N TYR A 598 16.83 4.75 10.97
CA TYR A 598 15.78 4.28 10.10
C TYR A 598 16.07 4.47 8.64
N PRO A 599 16.86 3.56 8.02
CA PRO A 599 17.11 3.68 6.58
C PRO A 599 15.86 3.26 5.82
N LEU A 600 15.15 4.24 5.27
CA LEU A 600 13.91 3.97 4.56
C LEU A 600 14.08 3.12 3.33
N ARG A 601 13.71 1.85 3.46
CA ARG A 601 13.77 0.86 2.40
C ARG A 601 12.81 1.28 1.30
N GLY A 602 13.35 1.53 0.11
CA GLY A 602 12.52 1.99 -1.00
C GLY A 602 11.57 0.96 -1.58
N HIS A 603 12.04 -0.28 -1.79
CA HIS A 603 11.21 -1.31 -2.40
C HIS A 603 10.38 -2.13 -1.42
N ASN A 604 9.21 -2.60 -1.90
CA ASN A 604 8.24 -3.40 -1.13
C ASN A 604 8.90 -4.60 -0.48
N ASN A 605 9.81 -5.26 -1.19
CA ASN A 605 10.53 -6.37 -0.62
C ASN A 605 12.01 -6.28 -0.91
N VAL A 606 12.59 -5.13 -0.58
CA VAL A 606 14.03 -4.94 -0.70
C VAL A 606 14.71 -5.44 0.59
N GLN A 607 14.02 -5.32 1.75
CA GLN A 607 14.50 -5.81 3.04
C GLN A 607 14.32 -7.32 3.08
N GLY A 608 13.13 -7.78 2.71
CA GLY A 608 12.81 -9.20 2.69
C GLY A 608 13.73 -10.00 1.79
N ALA A 609 14.05 -9.48 0.60
CA ALA A 609 14.95 -10.16 -0.33
C ALA A 609 16.37 -10.21 0.24
N SER A 610 16.81 -9.11 0.85
CA SER A 610 18.12 -9.03 1.47
C SER A 610 18.25 -10.04 2.60
N ASP A 611 17.18 -10.20 3.39
CA ASP A 611 17.16 -11.14 4.52
C ASP A 611 17.36 -12.58 4.09
N PHE A 612 16.93 -12.93 2.88
CA PHE A 612 17.02 -14.32 2.44
C PHE A 612 18.16 -14.56 1.46
N GLY A 613 19.37 -14.23 1.89
CA GLY A 613 20.59 -14.45 1.16
C GLY A 613 20.69 -13.95 -0.26
N SER A 614 20.04 -12.82 -0.57
CA SER A 614 20.15 -12.24 -1.91
C SER A 614 21.47 -11.46 -2.11
N MET A 615 22.23 -11.18 -1.03
CA MET A 615 23.52 -10.51 -1.17
C MET A 615 24.53 -11.57 -1.64
N PRO A 616 25.36 -11.33 -2.68
CA PRO A 616 26.35 -12.35 -3.08
C PRO A 616 27.50 -12.57 -2.08
N ASP A 617 27.52 -11.77 -1.00
CA ASP A 617 28.46 -11.78 0.10
C ASP A 617 27.91 -12.60 1.30
N ARG A 618 26.57 -12.80 1.38
CA ARG A 618 25.94 -13.53 2.49
C ARG A 618 24.85 -14.53 2.07
N LEU A 619 24.62 -15.53 2.92
CA LEU A 619 23.56 -16.53 2.80
C LEU A 619 22.31 -16.02 3.59
N PRO A 620 21.13 -16.70 3.55
CA PRO A 620 19.96 -16.20 4.29
C PRO A 620 20.22 -16.03 5.78
N GLY A 621 19.57 -15.04 6.37
CA GLY A 621 19.75 -14.71 7.79
C GLY A 621 20.98 -13.87 8.06
N TYR A 622 21.51 -13.20 7.02
CA TYR A 622 22.68 -12.33 7.06
C TYR A 622 23.98 -13.02 7.51
N GLU A 623 24.07 -14.34 7.37
CA GLU A 623 25.27 -15.08 7.77
C GLU A 623 26.16 -15.15 6.54
N LYS A 624 27.42 -14.69 6.64
CA LYS A 624 28.35 -14.69 5.51
C LYS A 624 28.63 -16.06 4.91
N VAL A 625 28.96 -16.10 3.61
CA VAL A 625 29.32 -17.34 2.92
C VAL A 625 30.74 -17.83 3.30
N THR A 626 31.40 -17.19 4.27
CA THR A 626 32.75 -17.55 4.68
C THR A 626 32.80 -18.50 5.89
N ASP A 627 31.67 -18.77 6.56
CA ASP A 627 31.68 -19.69 7.69
C ASP A 627 31.65 -21.11 7.20
N GLU A 628 32.58 -21.93 7.66
CA GLU A 628 32.61 -23.35 7.29
C GLU A 628 31.38 -24.05 7.90
N GLN A 629 31.04 -23.70 9.15
CA GLN A 629 29.91 -24.26 9.88
C GLN A 629 28.57 -23.97 9.22
N VAL A 630 28.33 -22.70 8.81
CA VAL A 630 27.07 -22.35 8.16
C VAL A 630 27.00 -22.93 6.74
N ARG A 631 28.16 -23.12 6.07
CA ARG A 631 28.20 -23.73 4.74
C ARG A 631 27.78 -25.22 4.80
N GLN A 632 28.00 -25.88 5.95
CA GLN A 632 27.63 -27.27 6.18
C GLN A 632 26.18 -27.39 6.65
N LYS A 633 25.70 -26.41 7.44
CA LYS A 633 24.32 -26.38 7.93
C LYS A 633 23.32 -26.39 6.78
N TYR A 634 23.64 -25.68 5.69
CA TYR A 634 22.76 -25.62 4.53
C TYR A 634 22.99 -26.82 3.59
N GLU A 635 24.25 -27.32 3.50
CA GLU A 635 24.63 -28.47 2.65
C GLU A 635 23.96 -29.77 3.10
N ARG A 636 23.77 -29.92 4.40
CA ARG A 636 23.15 -31.08 5.01
C ARG A 636 21.70 -31.24 4.53
N VAL A 637 20.99 -30.13 4.38
CA VAL A 637 19.59 -30.17 3.94
C VAL A 637 19.41 -29.97 2.42
N TRP A 638 20.47 -29.62 1.69
CA TRP A 638 20.38 -29.40 0.25
C TRP A 638 20.97 -30.56 -0.56
N GLY A 639 22.02 -31.19 -0.04
CA GLY A 639 22.65 -32.32 -0.68
C GLY A 639 23.67 -31.99 -1.75
N VAL A 640 24.07 -30.73 -1.83
CA VAL A 640 25.04 -30.26 -2.81
C VAL A 640 26.11 -29.42 -2.09
N PRO A 641 27.42 -29.57 -2.40
CA PRO A 641 28.44 -28.75 -1.72
C PRO A 641 28.30 -27.27 -2.03
N LEU A 642 27.97 -26.46 -1.00
CA LEU A 642 27.77 -25.02 -1.16
C LEU A 642 29.04 -24.33 -1.64
N PRO A 643 28.94 -23.51 -2.71
CA PRO A 643 30.13 -22.83 -3.25
C PRO A 643 30.91 -22.00 -2.26
N LYS A 644 32.24 -22.15 -2.29
CA LYS A 644 33.16 -21.45 -1.40
C LYS A 644 33.59 -20.10 -1.99
N GLU A 645 33.66 -20.00 -3.32
CA GLU A 645 34.04 -18.79 -4.05
C GLU A 645 32.98 -17.67 -3.87
N PRO A 646 33.34 -16.53 -3.25
CA PRO A 646 32.35 -15.45 -3.07
C PRO A 646 31.92 -14.82 -4.40
N GLY A 647 30.63 -14.56 -4.52
CA GLY A 647 30.04 -14.06 -5.76
C GLY A 647 30.29 -12.61 -6.08
N MET A 648 29.75 -12.18 -7.24
CA MET A 648 29.89 -10.82 -7.73
C MET A 648 28.62 -9.98 -7.59
N THR A 649 28.80 -8.71 -7.24
CA THR A 649 27.71 -7.78 -7.06
C THR A 649 27.09 -7.36 -8.40
N ASN A 650 25.77 -7.07 -8.41
CA ASN A 650 24.94 -6.60 -9.54
C ASN A 650 25.69 -5.53 -10.36
N HIS A 651 26.38 -4.63 -9.67
CA HIS A 651 27.15 -3.55 -10.28
C HIS A 651 28.41 -4.05 -11.00
N GLU A 652 29.23 -4.92 -10.36
CA GLU A 652 30.46 -5.37 -10.97
C GLU A 652 30.31 -6.47 -12.03
N MET A 653 29.21 -7.26 -12.03
CA MET A 653 29.05 -8.31 -13.04
C MET A 653 28.74 -7.78 -14.44
N ILE A 654 28.45 -6.50 -14.57
CA ILE A 654 28.20 -5.88 -15.88
C ILE A 654 29.52 -5.80 -16.66
N GLU A 655 30.64 -5.48 -15.97
CA GLU A 655 31.97 -5.42 -16.56
C GLU A 655 32.44 -6.82 -16.98
N LYS A 656 32.08 -7.84 -16.19
CA LYS A 656 32.40 -9.23 -16.45
C LYS A 656 31.90 -9.69 -17.82
N ILE A 657 30.85 -9.05 -18.35
CA ILE A 657 30.33 -9.42 -19.66
C ILE A 657 31.28 -8.96 -20.75
N HIS A 658 31.71 -7.69 -20.70
CA HIS A 658 32.62 -7.12 -21.69
C HIS A 658 33.97 -7.83 -21.74
N SER A 659 34.42 -8.36 -20.59
CA SER A 659 35.68 -9.09 -20.50
C SER A 659 35.60 -10.58 -20.87
N GLY A 660 34.47 -11.00 -21.44
CA GLY A 660 34.25 -12.38 -21.85
C GLY A 660 34.28 -13.37 -20.70
N GLN A 661 33.72 -13.00 -19.56
CA GLN A 661 33.69 -13.87 -18.39
C GLN A 661 32.27 -14.31 -18.03
N LEU A 662 31.28 -13.46 -18.29
CA LEU A 662 29.88 -13.81 -18.01
C LEU A 662 29.21 -14.30 -19.29
N LYS A 663 28.62 -15.49 -19.25
CA LYS A 663 27.98 -16.07 -20.42
C LYS A 663 26.46 -15.92 -20.38
N ALA A 664 25.86 -16.11 -19.20
CA ALA A 664 24.40 -16.04 -19.08
C ALA A 664 23.90 -15.29 -17.84
N MET A 665 22.68 -14.77 -17.88
CA MET A 665 22.12 -14.01 -16.76
C MET A 665 20.63 -14.29 -16.59
N TYR A 666 20.17 -14.44 -15.33
CA TYR A 666 18.77 -14.70 -14.99
C TYR A 666 18.22 -13.58 -14.10
N VAL A 667 17.71 -12.49 -14.70
CA VAL A 667 17.17 -11.39 -13.92
C VAL A 667 15.65 -11.47 -13.84
N LYS A 668 15.12 -11.60 -12.61
CA LYS A 668 13.69 -11.66 -12.40
C LYS A 668 13.17 -10.32 -11.90
N GLY A 669 11.99 -9.95 -12.38
CA GLY A 669 11.21 -8.75 -12.07
C GLY A 669 11.93 -7.45 -11.74
N GLU A 670 13.05 -7.18 -12.41
CA GLU A 670 13.83 -5.98 -12.14
C GLU A 670 14.22 -5.34 -13.46
N GLU A 671 14.07 -4.01 -13.57
CA GLU A 671 14.44 -3.32 -14.79
C GLU A 671 15.84 -2.71 -14.63
N MET A 672 16.88 -3.54 -14.35
CA MET A 672 18.26 -3.09 -14.16
C MET A 672 18.93 -2.57 -15.45
N GLY A 673 18.36 -2.86 -16.61
CA GLY A 673 18.84 -2.30 -17.87
C GLY A 673 18.16 -0.97 -18.15
N LEU A 674 17.90 -0.22 -17.06
CA LEU A 674 17.19 1.06 -16.96
C LEU A 674 17.44 1.72 -15.57
N VAL A 675 17.86 0.94 -14.54
CA VAL A 675 18.08 1.45 -13.19
C VAL A 675 19.55 1.22 -12.68
N ASP A 676 20.46 0.68 -13.52
CA ASP A 676 21.87 0.54 -13.12
C ASP A 676 22.68 1.69 -13.75
N SER A 677 23.64 2.28 -13.00
CA SER A 677 24.45 3.43 -13.42
C SER A 677 25.03 3.32 -14.83
N ASN A 678 24.73 4.34 -15.67
CA ASN A 678 25.12 4.49 -17.08
C ASN A 678 24.39 3.42 -17.92
N ILE A 679 23.14 3.72 -18.36
CA ILE A 679 22.38 2.74 -19.15
C ILE A 679 22.87 2.65 -20.61
N ASN A 680 23.77 3.55 -21.05
CA ASN A 680 24.39 3.48 -22.37
C ASN A 680 25.39 2.28 -22.40
N HIS A 681 26.05 2.03 -21.26
CA HIS A 681 27.00 0.95 -21.09
C HIS A 681 26.30 -0.36 -20.77
N VAL A 682 25.27 -0.33 -19.89
CA VAL A 682 24.54 -1.57 -19.55
C VAL A 682 23.65 -2.05 -20.72
N HIS A 683 23.35 -1.19 -21.70
CA HIS A 683 22.60 -1.61 -22.88
C HIS A 683 23.55 -2.38 -23.82
N ALA A 684 24.78 -1.85 -23.99
CA ALA A 684 25.84 -2.50 -24.78
C ALA A 684 26.29 -3.81 -24.12
N ALA A 685 26.30 -3.85 -22.78
CA ALA A 685 26.65 -5.04 -22.00
C ALA A 685 25.60 -6.13 -22.15
N TYR A 686 24.33 -5.76 -22.32
CA TYR A 686 23.24 -6.73 -22.46
C TYR A 686 23.36 -7.52 -23.74
N GLU A 687 23.62 -6.85 -24.86
CA GLU A 687 23.77 -7.54 -26.14
C GLU A 687 25.12 -8.28 -26.30
N LYS A 688 25.97 -8.25 -25.25
CA LYS A 688 27.29 -8.88 -25.25
C LYS A 688 27.31 -10.26 -24.57
N LEU A 689 26.15 -10.77 -24.12
CA LEU A 689 26.12 -12.09 -23.47
C LEU A 689 25.34 -13.13 -24.30
N ASP A 690 25.72 -14.40 -24.14
CA ASP A 690 25.14 -15.53 -24.86
C ASP A 690 23.70 -15.86 -24.50
N PHE A 691 23.39 -15.94 -23.21
CA PHE A 691 22.05 -16.27 -22.78
C PHE A 691 21.45 -15.25 -21.81
N PHE A 692 20.20 -14.86 -22.04
CA PHE A 692 19.55 -13.89 -21.17
C PHE A 692 18.13 -14.32 -20.85
N VAL A 693 17.88 -14.75 -19.61
CA VAL A 693 16.54 -15.15 -19.21
C VAL A 693 15.94 -14.13 -18.26
N VAL A 694 14.93 -13.42 -18.75
CA VAL A 694 14.26 -12.39 -17.98
C VAL A 694 12.92 -12.92 -17.45
N GLN A 695 12.55 -12.54 -16.23
CA GLN A 695 11.30 -13.02 -15.63
C GLN A 695 10.44 -11.84 -15.14
N ASP A 696 9.90 -11.05 -16.06
CA ASP A 696 9.09 -9.90 -15.71
C ASP A 696 7.63 -10.15 -16.08
N ILE A 697 6.71 -9.40 -15.47
CA ILE A 697 5.29 -9.57 -15.76
C ILE A 697 4.88 -8.89 -17.08
N PHE A 698 5.64 -7.86 -17.51
CA PHE A 698 5.43 -7.10 -18.77
C PHE A 698 6.69 -7.17 -19.66
N LEU A 699 6.57 -6.75 -20.93
CA LEU A 699 7.75 -6.73 -21.81
C LEU A 699 8.50 -5.41 -21.63
N SER A 700 9.34 -5.38 -20.60
CA SER A 700 10.14 -4.23 -20.20
C SER A 700 11.35 -3.98 -21.12
N ARG A 701 12.15 -2.92 -20.83
CA ARG A 701 13.36 -2.58 -21.58
C ARG A 701 14.37 -3.72 -21.41
N THR A 702 14.55 -4.21 -20.19
CA THR A 702 15.44 -5.32 -19.88
C THR A 702 15.00 -6.59 -20.63
N ALA A 703 13.68 -6.79 -20.77
CA ALA A 703 13.11 -7.94 -21.44
C ALA A 703 13.29 -7.95 -22.96
N GLU A 704 13.62 -6.80 -23.57
CA GLU A 704 13.84 -6.75 -25.02
C GLU A 704 15.12 -7.46 -25.42
N PHE A 705 16.15 -7.35 -24.57
CA PHE A 705 17.46 -7.98 -24.78
C PHE A 705 17.51 -9.45 -24.39
N ALA A 706 16.38 -10.05 -24.02
CA ALA A 706 16.34 -11.44 -23.58
C ALA A 706 16.23 -12.45 -24.72
N ASP A 707 16.66 -13.69 -24.46
CA ASP A 707 16.56 -14.79 -25.40
C ASP A 707 15.33 -15.63 -25.04
N VAL A 708 15.14 -15.89 -23.74
CA VAL A 708 13.96 -16.60 -23.26
C VAL A 708 13.28 -15.75 -22.19
N VAL A 709 12.02 -15.42 -22.42
CA VAL A 709 11.24 -14.62 -21.48
C VAL A 709 10.26 -15.52 -20.76
N LEU A 710 10.15 -15.39 -19.44
CA LEU A 710 9.22 -16.19 -18.67
C LEU A 710 8.17 -15.28 -18.05
N PRO A 711 6.88 -15.48 -18.42
CA PRO A 711 5.84 -14.59 -17.88
C PRO A 711 5.52 -14.85 -16.40
N ALA A 712 5.85 -13.88 -15.56
CA ALA A 712 5.65 -13.96 -14.12
C ALA A 712 4.23 -13.52 -13.70
N SER A 713 3.82 -13.92 -12.50
CA SER A 713 2.52 -13.56 -11.94
C SER A 713 2.76 -12.51 -10.89
N PRO A 714 2.10 -11.35 -11.00
CA PRO A 714 2.33 -10.27 -10.02
C PRO A 714 1.83 -10.56 -8.60
N SER A 715 2.04 -9.60 -7.68
CA SER A 715 1.66 -9.62 -6.26
C SER A 715 0.28 -10.22 -5.97
N LEU A 716 -0.74 -9.77 -6.69
CA LEU A 716 -2.09 -10.22 -6.47
C LEU A 716 -2.35 -11.64 -7.00
N GLU A 717 -1.52 -12.11 -7.94
CA GLU A 717 -1.70 -13.43 -8.51
C GLU A 717 -0.80 -14.49 -7.90
N LYS A 718 -0.51 -14.36 -6.59
CA LYS A 718 0.33 -15.30 -5.83
C LYS A 718 0.32 -14.98 -4.34
N GLU A 719 0.73 -15.94 -3.50
CA GLU A 719 0.84 -15.69 -2.07
C GLU A 719 2.29 -15.85 -1.60
N GLY A 720 2.61 -15.32 -0.43
CA GLY A 720 3.97 -15.37 0.09
C GLY A 720 4.19 -14.39 1.23
N THR A 721 5.45 -14.00 1.48
CA THR A 721 5.75 -13.08 2.57
C THR A 721 6.63 -11.90 2.15
N PHE A 722 6.41 -10.76 2.81
CA PHE A 722 7.11 -9.52 2.55
C PHE A 722 7.61 -8.86 3.84
N THR A 723 8.93 -8.72 3.99
CA THR A 723 9.51 -8.05 5.14
C THR A 723 9.71 -6.57 4.76
N ASN A 724 8.93 -5.66 5.36
CA ASN A 724 8.97 -4.23 5.02
C ASN A 724 10.16 -3.48 5.68
N THR A 725 10.15 -2.14 5.67
CA THR A 725 11.22 -1.33 6.24
C THR A 725 11.40 -1.61 7.74
N GLU A 726 10.31 -1.64 8.53
CA GLU A 726 10.42 -1.88 9.97
C GLU A 726 10.66 -3.37 10.32
N ARG A 727 11.22 -4.14 9.37
CA ARG A 727 11.53 -5.58 9.46
C ARG A 727 10.29 -6.40 9.80
N ARG A 728 9.14 -6.02 9.26
CA ARG A 728 7.85 -6.64 9.51
C ARG A 728 7.51 -7.59 8.39
N ILE A 729 7.52 -8.87 8.71
CA ILE A 729 7.22 -9.95 7.77
C ILE A 729 5.73 -10.14 7.70
N GLN A 730 5.10 -9.68 6.62
CA GLN A 730 3.65 -9.82 6.45
C GLN A 730 3.33 -10.91 5.43
N ARG A 731 2.10 -11.43 5.44
CA ARG A 731 1.73 -12.51 4.52
C ARG A 731 0.68 -12.07 3.48
N LEU A 732 0.81 -12.57 2.24
CA LEU A 732 -0.11 -12.28 1.13
C LEU A 732 -1.17 -13.37 0.95
N TYR A 733 -2.29 -12.97 0.36
CA TYR A 733 -3.36 -13.89 0.04
C TYR A 733 -3.64 -13.73 -1.44
N GLN A 734 -3.71 -14.84 -2.18
CA GLN A 734 -3.92 -14.77 -3.62
C GLN A 734 -5.25 -14.15 -4.00
N VAL A 735 -5.22 -12.93 -4.55
CA VAL A 735 -6.42 -12.22 -4.99
C VAL A 735 -7.05 -12.95 -6.19
N PHE A 736 -6.29 -13.16 -7.26
CA PHE A 736 -6.77 -13.91 -8.43
C PHE A 736 -5.74 -14.97 -8.79
N GLU A 737 -6.17 -16.03 -9.50
CA GLU A 737 -5.21 -17.04 -9.94
C GLU A 737 -4.57 -16.59 -11.27
N PRO A 738 -3.29 -16.95 -11.50
CA PRO A 738 -2.58 -16.56 -12.73
C PRO A 738 -3.38 -16.30 -14.00
N LEU A 739 -3.13 -15.16 -14.65
CA LEU A 739 -3.81 -14.78 -15.89
C LEU A 739 -3.24 -15.58 -17.05
N GLY A 740 -4.08 -16.39 -17.67
CA GLY A 740 -3.66 -17.25 -18.77
C GLY A 740 -2.71 -18.30 -18.26
N GLU A 741 -1.47 -18.29 -18.73
CA GLU A 741 -0.46 -19.23 -18.29
C GLU A 741 0.72 -18.56 -17.65
N SER A 742 0.47 -17.46 -16.93
CA SER A 742 1.53 -16.73 -16.25
C SER A 742 1.74 -17.29 -14.86
N LYS A 743 2.59 -18.33 -14.75
CA LYS A 743 2.88 -18.96 -13.47
C LYS A 743 3.53 -17.97 -12.48
N PRO A 744 3.30 -18.11 -11.16
CA PRO A 744 3.96 -17.21 -10.19
C PRO A 744 5.48 -17.44 -10.18
N ASP A 745 6.23 -16.38 -9.85
CA ASP A 745 7.69 -16.37 -9.81
C ASP A 745 8.33 -17.57 -9.10
N TRP A 746 7.77 -17.99 -7.96
CA TRP A 746 8.33 -19.09 -7.20
C TRP A 746 8.15 -20.41 -7.93
N GLN A 747 7.00 -20.59 -8.59
CA GLN A 747 6.67 -21.77 -9.35
C GLN A 747 7.65 -21.90 -10.50
N ILE A 748 7.90 -20.79 -11.21
CA ILE A 748 8.83 -20.77 -12.32
C ILE A 748 10.23 -21.17 -11.88
N ILE A 749 10.70 -20.63 -10.77
CA ILE A 749 12.02 -20.97 -10.25
C ILE A 749 12.12 -22.45 -9.92
N MET A 750 11.07 -23.01 -9.29
CA MET A 750 11.05 -24.43 -8.96
C MET A 750 11.12 -25.28 -10.21
N GLU A 751 10.30 -24.97 -11.23
CA GLU A 751 10.26 -25.70 -12.49
C GLU A 751 11.58 -25.60 -13.26
N VAL A 752 12.24 -24.44 -13.18
CA VAL A 752 13.52 -24.20 -13.82
C VAL A 752 14.60 -25.03 -13.12
N ALA A 753 14.59 -25.05 -11.79
CA ALA A 753 15.54 -25.85 -11.04
C ALA A 753 15.32 -27.33 -11.30
N ASN A 754 14.05 -27.76 -11.35
CA ASN A 754 13.70 -29.14 -11.60
C ASN A 754 14.14 -29.57 -12.98
N LYS A 755 13.96 -28.71 -14.00
CA LYS A 755 14.40 -29.00 -15.37
C LYS A 755 15.93 -29.19 -15.52
N LEU A 756 16.69 -28.78 -14.51
CA LEU A 756 18.13 -28.99 -14.44
C LEU A 756 18.43 -30.27 -13.62
N GLY A 757 17.64 -30.51 -12.58
CA GLY A 757 17.77 -31.68 -11.73
C GLY A 757 17.84 -31.29 -10.28
N ALA A 758 16.70 -30.88 -9.71
CA ALA A 758 16.67 -30.49 -8.29
C ALA A 758 15.65 -31.31 -7.53
N GLY A 759 14.47 -31.51 -8.13
CA GLY A 759 13.40 -32.29 -7.53
C GLY A 759 12.78 -31.63 -6.30
N TRP A 760 12.51 -30.35 -6.40
CA TRP A 760 11.91 -29.61 -5.30
C TRP A 760 10.42 -29.87 -5.25
N LEU A 761 9.86 -30.04 -4.05
CA LEU A 761 8.44 -30.27 -3.91
C LEU A 761 7.82 -29.32 -2.89
N TYR A 762 7.12 -28.30 -3.37
CA TYR A 762 6.46 -27.34 -2.50
C TYR A 762 5.04 -27.20 -2.99
N GLU A 763 4.06 -27.72 -2.25
CA GLU A 763 2.66 -27.64 -2.65
C GLU A 763 2.18 -26.20 -2.74
N HIS A 764 2.65 -25.34 -1.82
CA HIS A 764 2.33 -23.92 -1.82
C HIS A 764 3.51 -23.12 -1.21
N PRO A 765 3.56 -21.77 -1.36
CA PRO A 765 4.72 -21.01 -0.86
C PRO A 765 5.02 -21.17 0.62
N ALA A 766 4.05 -21.62 1.42
CA ALA A 766 4.25 -21.83 2.84
C ALA A 766 5.32 -22.89 3.11
N ASP A 767 5.42 -23.91 2.24
CA ASP A 767 6.39 -24.99 2.37
C ASP A 767 7.82 -24.50 2.15
N ILE A 768 7.99 -23.49 1.29
CA ILE A 768 9.31 -22.92 1.04
C ILE A 768 9.80 -22.21 2.30
N MET A 769 8.91 -21.48 2.96
CA MET A 769 9.21 -20.74 4.18
C MET A 769 9.71 -21.67 5.28
N GLU A 770 9.05 -22.80 5.53
CA GLU A 770 9.48 -23.70 6.61
C GLU A 770 10.85 -24.33 6.38
N GLU A 771 11.31 -24.41 5.12
CA GLU A 771 12.64 -24.93 4.84
C GLU A 771 13.67 -23.86 5.21
N ALA A 772 13.42 -22.61 4.78
CA ALA A 772 14.30 -21.48 5.04
C ALA A 772 14.34 -21.10 6.52
N ALA A 773 13.17 -21.05 7.19
CA ALA A 773 13.01 -20.68 8.60
C ALA A 773 13.86 -21.52 9.55
N LYS A 774 14.05 -22.79 9.21
CA LYS A 774 14.86 -23.67 10.04
C LYS A 774 16.33 -23.22 9.94
N LEU A 775 16.82 -23.06 8.71
CA LEU A 775 18.20 -22.67 8.41
C LEU A 775 18.56 -21.25 8.86
N SER A 776 17.61 -20.31 8.77
CA SER A 776 17.84 -18.93 9.14
C SER A 776 17.75 -18.78 10.65
N PRO A 777 18.77 -18.16 11.28
CA PRO A 777 18.73 -18.01 12.74
C PRO A 777 17.78 -16.94 13.25
N ILE A 778 17.70 -15.80 12.55
CA ILE A 778 16.80 -14.71 12.90
C ILE A 778 15.35 -15.10 12.64
N TYR A 779 15.11 -15.82 11.53
CA TYR A 779 13.79 -16.32 11.16
C TYR A 779 13.60 -17.75 11.73
N ALA A 780 14.13 -18.03 12.93
CA ALA A 780 14.01 -19.36 13.51
C ALA A 780 12.56 -19.76 13.77
N GLY A 781 11.76 -18.83 14.26
CA GLY A 781 10.37 -19.11 14.57
C GLY A 781 9.33 -18.36 13.74
N VAL A 782 9.46 -18.40 12.41
CA VAL A 782 8.48 -17.75 11.53
C VAL A 782 7.59 -18.78 10.83
N THR A 783 6.30 -18.76 11.16
CA THR A 783 5.35 -19.69 10.61
C THR A 783 4.22 -18.98 9.92
N TYR A 784 3.68 -19.58 8.87
CA TYR A 784 2.55 -19.01 8.16
C TYR A 784 1.31 -18.86 9.04
N GLU A 785 1.17 -19.70 10.08
CA GLU A 785 0.05 -19.63 11.03
C GLU A 785 0.17 -18.39 11.92
N ARG A 786 1.40 -18.00 12.27
CA ARG A 786 1.61 -16.78 13.05
C ARG A 786 1.42 -15.51 12.22
N LEU A 787 1.38 -15.63 10.89
CA LEU A 787 1.18 -14.52 9.97
C LEU A 787 -0.23 -14.56 9.33
N GLU A 788 -1.19 -15.28 9.95
CA GLU A 788 -2.54 -15.39 9.42
C GLU A 788 -3.30 -14.08 9.64
N GLY A 789 -3.97 -13.63 8.60
CA GLY A 789 -4.74 -12.39 8.66
C GLY A 789 -3.83 -11.19 8.69
N TYR A 790 -4.10 -10.24 9.59
CA TYR A 790 -3.25 -9.06 9.71
C TYR A 790 -2.20 -9.21 10.82
N ASN A 791 -1.68 -10.42 10.98
CA ASN A 791 -0.63 -10.69 11.95
C ASN A 791 0.71 -10.63 11.26
N SER A 792 1.73 -10.14 11.98
CA SER A 792 3.06 -9.99 11.42
C SER A 792 4.13 -10.13 12.48
N LEU A 793 5.34 -10.52 12.06
CA LEU A 793 6.45 -10.68 12.99
C LEU A 793 7.61 -9.75 12.63
N GLN A 794 8.40 -9.32 13.64
CA GLN A 794 9.56 -8.45 13.40
C GLN A 794 10.84 -9.12 13.82
N TRP A 795 11.68 -9.53 12.86
CA TRP A 795 12.94 -10.21 13.14
C TRP A 795 13.95 -9.27 13.81
N PRO A 796 14.86 -9.77 14.67
CA PRO A 796 15.07 -11.16 15.07
C PRO A 796 13.94 -11.73 15.91
N VAL A 797 13.35 -12.82 15.41
CA VAL A 797 12.27 -13.51 16.09
C VAL A 797 12.73 -14.90 16.52
N ASN A 798 12.75 -15.12 17.85
CA ASN A 798 13.16 -16.35 18.49
C ASN A 798 12.49 -17.61 17.92
N ALA A 799 13.02 -18.80 18.24
CA ALA A 799 12.49 -20.06 17.75
C ALA A 799 11.06 -20.31 18.25
N ASP A 800 10.75 -19.86 19.45
CA ASP A 800 9.42 -20.05 20.03
C ASP A 800 8.35 -19.13 19.41
N GLY A 801 8.76 -17.92 19.04
CA GLY A 801 7.85 -16.95 18.45
C GLY A 801 7.96 -15.55 19.03
N LYS A 802 9.03 -15.28 19.79
CA LYS A 802 9.25 -13.98 20.40
C LYS A 802 9.89 -13.05 19.38
N ASP A 803 9.14 -12.09 18.85
CA ASP A 803 9.67 -11.14 17.88
C ASP A 803 10.43 -9.98 18.58
N SER A 804 10.76 -8.91 17.84
CA SER A 804 11.43 -7.75 18.41
C SER A 804 11.02 -6.50 17.64
N PRO A 805 10.01 -5.77 18.13
CA PRO A 805 9.59 -4.54 17.45
C PRO A 805 10.68 -3.47 17.50
N LEU A 806 11.40 -3.39 18.63
CA LEU A 806 12.50 -2.45 18.79
C LEU A 806 13.80 -3.24 18.92
N LEU A 807 14.81 -2.85 18.17
CA LEU A 807 16.10 -3.53 18.16
C LEU A 807 17.06 -3.09 19.27
N PHE A 808 17.93 -4.02 19.71
CA PHE A 808 18.98 -3.82 20.73
C PHE A 808 18.42 -3.29 22.05
N THR A 809 17.37 -3.93 22.58
CA THR A 809 16.76 -3.48 23.83
C THR A 809 17.65 -3.79 25.01
N GLU A 810 18.16 -5.03 25.12
CA GLU A 810 19.03 -5.36 26.23
C GLU A 810 20.49 -5.61 25.81
N ARG A 811 20.73 -6.01 24.54
CA ARG A 811 22.10 -6.21 24.07
C ARG A 811 22.26 -6.02 22.56
N PHE A 812 23.50 -5.80 22.12
CA PHE A 812 23.85 -5.63 20.71
C PHE A 812 24.32 -6.96 20.11
N PRO A 813 24.25 -7.13 18.78
CA PRO A 813 24.70 -8.40 18.17
C PRO A 813 26.22 -8.54 18.00
N PHE A 814 26.97 -8.29 19.06
CA PHE A 814 28.42 -8.38 19.10
C PHE A 814 28.86 -9.18 20.33
N PRO A 815 30.06 -9.77 20.32
CA PRO A 815 30.50 -10.58 21.47
C PRO A 815 30.33 -9.95 22.85
N ASP A 816 30.75 -8.68 23.02
CA ASP A 816 30.65 -7.97 24.29
C ASP A 816 29.28 -7.33 24.58
N GLY A 817 28.41 -7.28 23.58
CA GLY A 817 27.11 -6.66 23.72
C GLY A 817 27.13 -5.16 23.53
N LYS A 818 28.26 -4.60 23.07
CA LYS A 818 28.43 -3.17 22.84
C LYS A 818 28.51 -2.84 21.34
N ALA A 819 28.18 -1.60 20.98
CA ALA A 819 28.23 -1.16 19.60
C ALA A 819 29.56 -0.51 19.28
N ILE A 820 30.12 -0.86 18.12
CA ILE A 820 31.42 -0.37 17.65
C ILE A 820 31.28 0.92 16.82
N LEU A 821 31.91 2.03 17.27
CA LEU A 821 31.87 3.28 16.50
C LEU A 821 32.78 3.18 15.30
N TYR A 822 32.37 3.77 14.17
CA TYR A 822 33.17 3.71 12.95
C TYR A 822 33.73 5.04 12.53
N PRO A 823 35.03 5.26 12.75
CA PRO A 823 35.63 6.53 12.31
C PRO A 823 35.65 6.63 10.79
N VAL A 824 35.00 7.65 10.25
CA VAL A 824 34.93 7.85 8.81
C VAL A 824 35.27 9.28 8.41
N GLN A 825 36.14 9.45 7.41
CA GLN A 825 36.53 10.77 6.94
C GLN A 825 35.77 11.15 5.68
N TRP A 826 35.43 12.44 5.55
CA TRP A 826 34.71 12.97 4.41
C TRP A 826 35.47 12.78 3.13
N THR A 827 35.08 11.76 2.35
CA THR A 827 35.70 11.48 1.08
C THR A 827 35.25 12.58 0.11
N GLU A 828 36.20 13.22 -0.58
CA GLU A 828 35.89 14.29 -1.52
C GLU A 828 34.93 13.78 -2.64
N PRO A 829 33.70 14.34 -2.74
CA PRO A 829 32.77 13.88 -3.77
C PRO A 829 33.29 14.14 -5.19
N LYS A 830 33.39 13.07 -6.00
CA LYS A 830 33.87 13.15 -7.38
C LYS A 830 32.89 13.95 -8.24
N GLU A 831 33.22 15.22 -8.51
CA GLU A 831 32.34 16.07 -9.31
C GLU A 831 32.85 16.24 -10.74
N PHE A 832 31.92 16.34 -11.69
CA PHE A 832 32.17 16.44 -13.13
C PHE A 832 32.92 17.73 -13.50
N GLY A 833 32.39 18.88 -13.04
CA GLY A 833 32.98 20.21 -13.26
C GLY A 833 33.20 20.63 -14.70
N GLU A 834 34.19 21.55 -14.90
CA GLU A 834 34.68 22.20 -16.14
C GLU A 834 33.53 22.77 -17.04
N GLU A 835 32.77 21.92 -17.73
CA GLU A 835 31.67 22.35 -18.60
C GLU A 835 30.29 21.94 -18.02
N TYR A 836 30.26 20.87 -17.19
CA TYR A 836 29.07 20.33 -16.54
C TYR A 836 28.88 21.03 -15.18
N ASP A 837 28.22 22.19 -15.18
CA ASP A 837 27.99 23.01 -13.98
C ASP A 837 26.61 22.79 -13.35
N ILE A 838 25.56 22.72 -14.17
CA ILE A 838 24.21 22.55 -13.67
C ILE A 838 23.95 21.08 -13.30
N HIS A 839 24.15 20.77 -12.01
CA HIS A 839 23.97 19.45 -11.42
C HIS A 839 22.56 18.93 -11.71
N VAL A 840 22.42 17.64 -12.04
CA VAL A 840 21.12 17.06 -12.31
C VAL A 840 20.74 16.03 -11.23
N ASN A 841 19.70 16.34 -10.44
CA ASN A 841 19.23 15.48 -9.36
C ASN A 841 18.33 14.35 -9.90
N ASN A 842 18.05 13.33 -9.06
CA ASN A 842 17.20 12.22 -9.43
C ASN A 842 16.44 11.69 -8.21
N GLY A 843 15.22 11.22 -8.43
CA GLY A 843 14.40 10.70 -7.35
C GLY A 843 13.04 10.21 -7.77
N ARG A 844 12.10 10.22 -6.82
CA ARG A 844 10.75 9.69 -7.05
C ARG A 844 9.64 10.77 -7.06
N LEU A 845 8.48 10.39 -7.65
CA LEU A 845 7.25 11.18 -7.66
C LEU A 845 6.24 10.52 -6.69
N LEU A 846 5.14 11.21 -6.36
CA LEU A 846 4.17 10.68 -5.41
C LEU A 846 3.31 9.60 -6.07
N GLU A 847 2.89 9.87 -7.32
CA GLU A 847 2.03 8.95 -8.07
C GLU A 847 2.81 7.97 -8.94
N HIS A 848 4.04 8.36 -9.37
CA HIS A 848 4.79 7.48 -10.26
C HIS A 848 5.94 6.76 -9.60
N PHE A 849 5.77 5.44 -9.55
CA PHE A 849 6.72 4.47 -9.03
C PHE A 849 7.66 4.12 -10.17
N HIS A 850 8.76 4.89 -10.31
CA HIS A 850 9.75 4.76 -11.37
C HIS A 850 9.13 5.08 -12.76
N GLU A 851 9.63 4.43 -13.85
CA GLU A 851 9.27 4.53 -15.27
C GLU A 851 7.75 4.54 -15.61
N GLY A 852 6.96 3.83 -14.82
CA GLY A 852 5.52 3.73 -15.04
C GLY A 852 5.07 2.44 -15.69
N ASN A 853 5.79 1.35 -15.42
CA ASN A 853 5.40 0.03 -15.95
C ASN A 853 4.25 -0.62 -15.11
N LEU A 854 3.75 0.10 -14.06
CA LEU A 854 2.67 -0.33 -13.15
C LEU A 854 1.68 0.87 -12.92
N THR A 855 2.25 2.07 -12.67
CA THR A 855 1.52 3.31 -12.35
C THR A 855 0.93 4.01 -13.59
N TYR A 856 1.71 4.16 -14.67
CA TYR A 856 1.18 4.79 -15.88
C TYR A 856 0.09 3.91 -16.56
N LYS A 857 0.02 2.61 -16.19
CA LYS A 857 -0.99 1.64 -16.64
C LYS A 857 -2.36 2.04 -16.02
N SER A 858 -2.37 2.55 -14.77
CA SER A 858 -3.53 3.10 -14.09
C SER A 858 -3.67 4.51 -14.70
N LYS A 859 -4.58 4.65 -15.69
CA LYS A 859 -4.76 5.85 -16.49
C LYS A 859 -5.15 7.13 -15.73
N GLY A 860 -5.62 6.99 -14.49
CA GLY A 860 -5.94 8.14 -13.66
C GLY A 860 -4.67 8.79 -13.14
N ILE A 861 -3.64 7.94 -12.83
CA ILE A 861 -2.28 8.36 -12.36
C ILE A 861 -1.55 9.19 -13.45
N SER A 862 -1.87 8.90 -14.74
CA SER A 862 -1.37 9.54 -15.95
C SER A 862 -2.07 10.91 -16.26
N GLU A 863 -3.12 11.29 -15.50
CA GLU A 863 -3.82 12.56 -15.66
C GLU A 863 -3.15 13.64 -14.79
N LYS A 864 -2.87 13.31 -13.51
CA LYS A 864 -2.20 14.22 -12.59
C LYS A 864 -0.76 14.41 -13.08
N THR A 865 -0.05 13.28 -13.37
CA THR A 865 1.30 13.31 -13.95
C THR A 865 1.36 12.52 -15.28
N PRO A 866 1.46 13.24 -16.42
CA PRO A 866 1.46 12.56 -17.72
C PRO A 866 2.84 12.21 -18.33
N GLU A 867 3.89 12.99 -17.96
CA GLU A 867 5.23 12.80 -18.51
C GLU A 867 6.36 13.22 -17.54
N VAL A 868 7.62 12.92 -17.91
CA VAL A 868 8.85 13.26 -17.18
C VAL A 868 9.16 14.78 -17.38
N PHE A 869 9.80 15.42 -16.37
CA PHE A 869 10.09 16.86 -16.44
C PHE A 869 11.42 17.24 -15.75
N LEU A 870 11.95 18.43 -16.04
CA LEU A 870 13.17 18.90 -15.40
C LEU A 870 12.84 20.14 -14.58
N GLU A 871 12.81 20.01 -13.24
CA GLU A 871 12.47 21.10 -12.34
C GLU A 871 13.54 22.18 -12.24
N ILE A 872 13.20 23.39 -12.71
CA ILE A 872 14.09 24.55 -12.71
C ILE A 872 13.54 25.63 -11.74
N SER A 873 14.44 26.39 -11.08
CA SER A 873 14.01 27.43 -10.13
C SER A 873 13.82 28.80 -10.80
N PRO A 874 13.02 29.75 -10.24
CA PRO A 874 12.85 31.06 -10.90
C PRO A 874 14.14 31.88 -11.05
N GLU A 875 15.15 31.57 -10.21
CA GLU A 875 16.46 32.18 -10.24
C GLU A 875 17.24 31.61 -11.43
N LEU A 876 17.19 30.28 -11.60
CA LEU A 876 17.86 29.51 -12.66
C LEU A 876 17.25 29.77 -14.05
N ALA A 877 15.91 29.91 -14.12
CA ALA A 877 15.22 30.18 -15.38
C ALA A 877 15.36 31.66 -15.84
N ALA A 878 16.12 32.49 -15.10
CA ALA A 878 16.37 33.89 -15.43
C ALA A 878 17.77 34.02 -16.02
N GLU A 879 18.77 33.35 -15.39
CA GLU A 879 20.15 33.36 -15.87
C GLU A 879 20.36 32.53 -17.14
N ARG A 880 19.47 31.54 -17.39
CA ARG A 880 19.55 30.72 -18.59
C ARG A 880 18.56 31.14 -19.71
N GLY A 881 17.65 32.08 -19.40
CA GLY A 881 16.66 32.58 -20.35
C GLY A 881 15.67 31.52 -20.81
N ILE A 882 15.05 30.80 -19.86
CA ILE A 882 14.12 29.73 -20.20
C ILE A 882 12.73 29.89 -19.54
N GLN A 883 11.71 29.28 -20.15
CA GLN A 883 10.31 29.32 -19.72
C GLN A 883 9.80 27.87 -19.42
N ASP A 884 8.46 27.67 -19.28
CA ASP A 884 7.88 26.34 -19.04
C ASP A 884 7.37 25.70 -20.35
N GLY A 885 7.45 24.38 -20.42
CA GLY A 885 7.05 23.63 -21.61
C GLY A 885 8.07 23.70 -22.73
N THR A 886 9.34 23.96 -22.39
CA THR A 886 10.43 24.09 -23.35
C THR A 886 11.29 22.83 -23.36
N LEU A 887 11.78 22.41 -24.53
CA LEU A 887 12.66 21.24 -24.62
C LEU A 887 14.09 21.70 -24.27
N VAL A 888 14.77 20.98 -23.37
CA VAL A 888 16.15 21.28 -23.00
C VAL A 888 17.03 20.03 -23.16
N ARG A 889 18.34 20.22 -23.41
CA ARG A 889 19.26 19.09 -23.59
C ARG A 889 20.33 19.08 -22.51
N LEU A 890 20.24 18.16 -21.54
CA LEU A 890 21.26 18.04 -20.51
C LEU A 890 22.23 16.94 -20.90
N THR A 891 23.45 17.33 -21.29
CA THR A 891 24.48 16.40 -21.74
C THR A 891 25.50 16.09 -20.62
N SER A 892 25.83 14.81 -20.46
CA SER A 892 26.79 14.38 -19.44
C SER A 892 27.93 13.56 -20.08
N PRO A 893 29.07 13.36 -19.39
CA PRO A 893 30.15 12.54 -19.99
C PRO A 893 29.83 11.04 -20.08
N PHE A 894 28.56 10.66 -19.84
CA PHE A 894 28.07 9.28 -19.87
C PHE A 894 26.82 9.13 -20.78
N GLY A 895 26.09 10.23 -21.03
CA GLY A 895 24.89 10.22 -21.85
C GLY A 895 24.35 11.58 -22.25
N ASN A 896 23.08 11.62 -22.68
CA ASN A 896 22.39 12.83 -23.12
C ASN A 896 20.88 12.62 -22.97
N VAL A 897 20.15 13.63 -22.47
CA VAL A 897 18.70 13.51 -22.32
C VAL A 897 17.90 14.58 -23.07
N LYS A 898 16.68 14.24 -23.48
CA LYS A 898 15.80 15.18 -24.17
C LYS A 898 14.56 15.42 -23.29
N VAL A 899 14.78 16.12 -22.17
CA VAL A 899 13.76 16.44 -21.16
C VAL A 899 13.06 17.79 -21.41
N LYS A 900 11.87 17.97 -20.81
CA LYS A 900 11.11 19.22 -20.93
C LYS A 900 11.15 19.97 -19.60
N CYS A 901 11.56 21.25 -19.64
CA CYS A 901 11.70 22.12 -18.47
C CYS A 901 10.36 22.48 -17.81
N LEU A 902 10.32 22.30 -16.49
CA LEU A 902 9.18 22.58 -15.63
C LEU A 902 9.61 23.62 -14.62
N ILE A 903 8.93 24.79 -14.56
CA ILE A 903 9.29 25.81 -13.57
C ILE A 903 8.68 25.43 -12.21
N THR A 904 9.52 25.27 -11.18
CA THR A 904 9.07 24.82 -9.87
C THR A 904 9.83 25.57 -8.75
N ASP A 905 9.11 25.86 -7.65
CA ASP A 905 9.60 26.60 -6.48
C ASP A 905 10.36 25.77 -5.43
N ARG A 906 10.63 24.49 -5.72
CA ARG A 906 11.31 23.57 -4.80
C ARG A 906 12.86 23.63 -4.84
N VAL A 907 13.45 23.45 -6.04
CA VAL A 907 14.90 23.44 -6.23
C VAL A 907 15.56 24.84 -6.04
N LYS A 908 16.91 24.87 -5.90
CA LYS A 908 17.67 26.11 -5.69
C LYS A 908 18.87 26.23 -6.66
N GLY A 909 19.38 27.46 -6.81
CA GLY A 909 20.55 27.79 -7.63
C GLY A 909 20.59 27.22 -9.04
N LYS A 910 21.67 26.50 -9.36
CA LYS A 910 21.86 25.84 -10.65
C LYS A 910 21.79 24.32 -10.46
N GLU A 911 20.76 23.85 -9.72
CA GLU A 911 20.58 22.43 -9.43
C GLU A 911 19.20 21.92 -9.84
N VAL A 912 19.06 21.47 -11.10
CA VAL A 912 17.80 20.94 -11.62
C VAL A 912 17.46 19.53 -11.04
N TYR A 913 16.21 19.07 -11.21
CA TYR A 913 15.76 17.79 -10.71
C TYR A 913 15.08 16.95 -11.81
N LEU A 914 15.64 15.78 -12.09
CA LEU A 914 15.09 14.87 -13.08
C LEU A 914 14.55 13.61 -12.40
N PRO A 915 13.24 13.60 -12.08
CA PRO A 915 12.64 12.39 -11.47
C PRO A 915 12.63 11.23 -12.46
N MET A 916 12.96 10.02 -12.00
CA MET A 916 13.05 8.87 -12.91
C MET A 916 11.68 8.25 -13.27
N ASN A 917 10.82 8.99 -14.01
CA ASN A 917 9.52 8.47 -14.39
C ASN A 917 9.34 8.35 -15.93
N ASP A 918 10.40 7.93 -16.63
CA ASP A 918 10.35 7.70 -18.08
C ASP A 918 11.38 6.66 -18.52
N SER A 919 10.91 5.51 -19.02
CA SER A 919 11.79 4.46 -19.53
C SER A 919 12.14 4.72 -21.01
N GLY A 920 12.94 5.76 -21.27
CA GLY A 920 13.33 6.09 -22.63
C GLY A 920 14.49 7.05 -22.79
N GLU A 921 14.30 8.05 -23.67
CA GLU A 921 15.28 9.08 -24.06
C GLU A 921 15.52 10.18 -23.02
N ALA A 922 14.54 10.38 -22.12
CA ALA A 922 14.62 11.38 -21.06
C ALA A 922 14.74 10.70 -19.69
N ALA A 923 15.64 9.69 -19.60
CA ALA A 923 15.90 8.93 -18.37
C ALA A 923 17.19 9.41 -17.70
N ILE A 924 17.15 9.67 -16.38
CA ILE A 924 18.32 10.13 -15.62
C ILE A 924 19.41 9.03 -15.43
N ASN A 925 19.17 7.80 -15.93
CA ASN A 925 20.16 6.74 -15.86
C ASN A 925 21.19 6.77 -17.00
N LEU A 926 20.96 7.61 -18.04
CA LEU A 926 21.90 7.77 -19.13
C LEU A 926 23.05 8.65 -18.63
N LEU A 927 22.70 9.78 -17.97
CA LEU A 927 23.62 10.78 -17.43
C LEU A 927 24.42 10.33 -16.23
N THR A 928 23.90 9.34 -15.47
CA THR A 928 24.60 8.90 -14.26
C THR A 928 25.91 8.21 -14.62
N GLY A 929 26.93 8.49 -13.81
CA GLY A 929 28.26 7.95 -14.01
C GLY A 929 28.47 6.55 -13.47
N SER A 930 29.53 5.91 -13.98
CA SER A 930 29.94 4.56 -13.58
C SER A 930 30.54 4.55 -12.15
N HIS A 931 31.01 5.73 -11.64
CA HIS A 931 31.59 5.90 -10.30
C HIS A 931 30.62 5.48 -9.19
N ALA A 932 31.13 4.81 -8.16
CA ALA A 932 30.28 4.25 -7.11
C ALA A 932 30.91 4.38 -5.68
N ASP A 933 30.12 4.05 -4.61
CA ASP A 933 30.50 4.06 -3.20
C ASP A 933 31.77 3.24 -2.92
N LYS A 934 32.57 3.71 -1.95
CA LYS A 934 33.84 3.08 -1.61
C LYS A 934 33.77 1.97 -0.54
N ASP A 935 32.72 1.13 -0.56
CA ASP A 935 32.61 0.01 0.38
C ASP A 935 31.69 -1.13 -0.11
N THR A 936 30.49 -0.81 -0.63
CA THR A 936 29.57 -1.85 -1.06
C THR A 936 29.04 -1.67 -2.50
N ASP A 937 29.89 -1.19 -3.44
CA ASP A 937 29.57 -1.02 -4.87
C ASP A 937 28.25 -0.27 -5.18
N THR A 938 27.91 0.79 -4.41
CA THR A 938 26.66 1.55 -4.62
C THR A 938 26.75 2.66 -5.67
N PRO A 939 26.12 2.46 -6.84
CA PRO A 939 26.16 3.50 -7.89
C PRO A 939 25.80 4.91 -7.40
N ALA A 940 26.67 5.90 -7.69
CA ALA A 940 26.47 7.28 -7.27
C ALA A 940 25.61 8.05 -8.27
N TYR A 941 24.29 8.12 -7.98
CA TYR A 941 23.30 8.81 -8.80
C TYR A 941 23.14 10.28 -8.33
N LYS A 942 23.28 10.54 -7.01
CA LYS A 942 23.17 11.91 -6.50
C LYS A 942 24.50 12.70 -6.59
N GLU A 943 25.40 12.26 -7.51
CA GLU A 943 26.71 12.85 -7.80
C GLU A 943 26.83 13.18 -9.30
N THR A 944 25.71 13.54 -9.96
CA THR A 944 25.73 13.80 -11.40
C THR A 944 25.55 15.26 -11.81
N SER A 945 26.38 15.71 -12.76
CA SER A 945 26.32 17.06 -13.31
C SER A 945 26.06 17.01 -14.85
N ALA A 946 25.67 18.14 -15.46
CA ALA A 946 25.37 18.23 -16.89
C ALA A 946 25.49 19.69 -17.43
N LYS A 947 25.53 19.88 -18.76
CA LYS A 947 25.57 21.22 -19.37
C LYS A 947 24.18 21.56 -19.97
N MET A 948 23.78 22.85 -19.98
CA MET A 948 22.44 23.23 -20.45
C MET A 948 22.40 23.75 -21.89
N GLU A 949 21.57 23.10 -22.72
CA GLU A 949 21.28 23.46 -24.11
C GLU A 949 19.76 23.65 -24.28
N ILE A 950 19.33 24.47 -25.25
CA ILE A 950 17.90 24.71 -25.47
C ILE A 950 17.44 24.18 -26.85
N LEU A 951 16.25 23.55 -26.91
CA LEU A 951 15.69 23.01 -28.13
C LEU A 951 14.36 23.65 -28.54
N LYS A 952 13.60 24.22 -27.59
CA LYS A 952 12.28 24.82 -27.88
C LYS A 952 11.95 25.99 -26.94
N HIS A 953 10.94 26.82 -27.30
CA HIS A 953 10.49 27.95 -26.49
C HIS A 953 9.05 27.73 -25.96
N ASP A 954 8.22 26.97 -26.70
CA ASP A 954 6.84 26.73 -26.29
C ASP A 954 6.30 25.36 -26.72
N GLY A 955 5.58 24.72 -25.80
CA GLY A 955 4.95 23.43 -26.04
C GLY A 955 4.03 23.00 -24.91
N ILE A 956 3.48 21.78 -25.00
CA ILE A 956 2.59 21.22 -23.99
C ILE A 956 3.36 21.09 -22.66
N SER A 957 2.90 21.80 -21.61
CA SER A 957 3.53 21.78 -20.29
C SER A 957 3.55 20.37 -19.69
N PRO A 958 4.71 19.94 -19.16
CA PRO A 958 4.82 18.56 -18.63
C PRO A 958 3.91 18.25 -17.43
N LEU A 959 3.62 19.26 -16.60
CA LEU A 959 2.74 19.08 -15.44
C LEU A 959 1.55 20.03 -15.53
N PRO A 960 0.34 19.48 -15.54
CA PRO A 960 -0.85 20.34 -15.69
C PRO A 960 -1.39 20.97 -14.40
N LYS A 961 -2.45 21.82 -14.51
CA LYS A 961 -3.15 22.44 -13.37
C LYS A 961 -3.83 21.34 -12.50
N ILE A 962 -4.30 20.26 -13.16
CA ILE A 962 -4.94 19.10 -12.55
C ILE A 962 -3.92 18.15 -11.89
N ASN A 963 -3.10 18.67 -10.97
CA ASN A 963 -2.09 17.89 -10.25
C ASN A 963 -2.17 18.13 -8.72
N HIS A 964 -1.69 17.16 -7.90
CA HIS A 964 -1.69 17.23 -6.44
C HIS A 964 -0.73 18.29 -5.85
N ARG A 965 -0.06 19.07 -6.70
CA ARG A 965 0.89 20.08 -6.24
C ARG A 965 0.51 21.49 -6.65
N ASN A 966 -0.21 21.65 -7.78
CA ASN A 966 -0.62 22.96 -8.28
C ASN A 966 -1.70 23.66 -7.42
N GLY A 967 -2.52 22.87 -6.73
CA GLY A 967 -3.58 23.42 -5.91
C GLY A 967 -3.10 24.09 -4.66
N ASN A 968 -4.02 24.75 -3.93
CA ASN A 968 -3.69 25.42 -2.67
C ASN A 968 -4.46 24.83 -1.46
N PRO A 969 -3.76 24.25 -0.49
CA PRO A 969 -4.45 23.67 0.67
C PRO A 969 -4.90 24.72 1.69
N GLN A 970 -5.91 24.40 2.48
CA GLN A 970 -6.38 25.31 3.52
C GLN A 970 -6.20 24.58 4.86
N PRO A 971 -5.01 24.71 5.48
CA PRO A 971 -4.77 24.01 6.75
C PRO A 971 -5.68 24.45 7.87
N GLN A 972 -5.93 23.54 8.81
CA GLN A 972 -6.73 23.71 10.01
C GLN A 972 -6.71 22.41 10.83
N ILE A 973 -6.93 22.51 12.14
CA ILE A 973 -6.97 21.31 12.98
C ILE A 973 -8.44 20.94 13.23
N GLY A 974 -8.74 19.66 13.09
CA GLY A 974 -10.09 19.15 13.25
C GLY A 974 -11.02 19.59 12.14
N VAL A 975 -12.33 19.67 12.45
CA VAL A 975 -13.32 20.09 11.46
C VAL A 975 -13.90 21.50 11.74
N GLN A 976 -13.52 22.13 12.89
CA GLN A 976 -14.01 23.42 13.35
C GLN A 976 -15.50 23.25 13.61
N VAL A 977 -15.84 22.31 14.50
CA VAL A 977 -17.22 21.98 14.83
C VAL A 977 -17.97 23.16 15.45
N HIS A 978 -17.24 24.08 16.10
CA HIS A 978 -17.85 25.26 16.69
C HIS A 978 -18.51 26.15 15.64
N LYS A 979 -18.04 26.11 14.37
CA LYS A 979 -18.65 26.88 13.29
C LYS A 979 -20.07 26.36 13.03
N LYS A 980 -20.27 25.03 13.10
CA LYS A 980 -21.56 24.39 12.94
C LYS A 980 -22.43 24.81 14.12
N TRP A 981 -21.89 24.68 15.34
CA TRP A 981 -22.57 25.01 16.58
C TRP A 981 -22.92 26.50 16.72
N ALA A 982 -22.24 27.37 15.95
CA ALA A 982 -22.47 28.81 15.96
C ALA A 982 -23.77 29.17 15.27
N ARG A 983 -24.13 28.42 14.21
CA ARG A 983 -25.35 28.63 13.43
C ARG A 983 -26.57 28.58 14.34
N LYS A 984 -27.51 29.53 14.15
CA LYS A 984 -28.70 29.55 15.01
C LYS A 984 -29.74 28.47 14.66
N ASP A 985 -29.57 27.80 13.51
CA ASP A 985 -30.41 26.66 13.13
C ASP A 985 -30.00 25.41 13.94
N TYR A 986 -28.71 25.30 14.34
CA TYR A 986 -28.27 24.17 15.13
C TYR A 986 -28.78 24.27 16.57
N ILE A 987 -29.42 23.20 16.99
CA ILE A 987 -29.94 23.04 18.34
C ILE A 987 -29.49 21.67 18.83
N PHE A 988 -28.93 21.63 20.04
CA PHE A 988 -28.44 20.38 20.61
C PHE A 988 -29.60 19.46 21.03
N PRO A 989 -29.57 18.20 20.58
CA PRO A 989 -30.66 17.28 20.91
C PRO A 989 -31.03 17.15 22.39
N GLY A 990 -30.01 17.12 23.24
CA GLY A 990 -30.18 17.02 24.68
C GLY A 990 -30.99 18.16 25.28
N ASP A 991 -30.59 19.41 25.01
CA ASP A 991 -31.33 20.56 25.53
C ASP A 991 -32.61 20.89 24.73
N ALA A 992 -32.88 20.14 23.64
CA ALA A 992 -34.12 20.30 22.89
C ALA A 992 -35.26 19.64 23.68
N VAL A 993 -34.98 18.49 24.35
CA VAL A 993 -35.94 17.79 25.20
C VAL A 993 -36.05 18.54 26.54
N LYS A 994 -34.87 18.89 27.11
CA LYS A 994 -34.63 19.61 28.38
C LYS A 994 -35.54 19.14 29.52
N ALA B 2 -33.07 -78.44 -44.06
CA ALA B 2 -34.30 -77.67 -43.85
C ALA B 2 -35.22 -78.37 -42.86
N LYS B 3 -34.62 -78.95 -41.78
CA LYS B 3 -35.30 -79.67 -40.69
C LYS B 3 -36.08 -78.70 -39.76
N ALA B 4 -36.78 -79.22 -38.73
CA ALA B 4 -37.55 -78.37 -37.82
C ALA B 4 -36.73 -77.93 -36.60
N ILE B 5 -36.42 -76.61 -36.50
CA ILE B 5 -35.66 -76.08 -35.35
C ILE B 5 -36.35 -74.91 -34.67
N LYS B 6 -36.15 -74.75 -33.36
CA LYS B 6 -36.78 -73.68 -32.58
C LYS B 6 -35.81 -72.83 -31.73
N ARG B 7 -34.56 -73.26 -31.55
CA ARG B 7 -33.62 -72.49 -30.73
C ARG B 7 -33.25 -71.15 -31.37
N ILE B 8 -33.15 -70.10 -30.55
CA ILE B 8 -32.80 -68.75 -30.98
C ILE B 8 -31.53 -68.26 -30.27
N GLN B 9 -30.63 -67.64 -31.04
CA GLN B 9 -29.37 -67.11 -30.51
C GLN B 9 -29.36 -65.59 -30.60
N LYS B 10 -29.42 -64.91 -29.44
CA LYS B 10 -29.43 -63.45 -29.36
C LYS B 10 -28.10 -62.85 -29.77
N ILE B 11 -28.13 -61.68 -30.43
CA ILE B 11 -26.92 -61.02 -30.87
C ILE B 11 -26.24 -60.29 -29.71
N GLU B 12 -24.92 -60.16 -29.77
CA GLU B 12 -24.15 -59.56 -28.70
C GLU B 12 -24.12 -58.03 -28.71
N VAL B 13 -25.17 -57.39 -28.17
CA VAL B 13 -25.19 -55.94 -28.06
C VAL B 13 -24.36 -55.60 -26.84
N THR B 14 -23.09 -55.22 -27.05
CA THR B 14 -22.16 -54.93 -25.96
C THR B 14 -22.60 -53.72 -25.10
N GLU B 15 -21.95 -53.53 -23.94
CA GLU B 15 -22.23 -52.43 -23.01
C GLU B 15 -22.07 -51.07 -23.70
N GLU B 16 -20.97 -50.88 -24.44
CA GLU B 16 -20.73 -49.62 -25.14
C GLU B 16 -21.60 -49.49 -26.39
N ASP B 17 -21.94 -50.62 -27.05
CA ASP B 17 -22.79 -50.62 -28.23
C ASP B 17 -24.18 -50.10 -27.87
N GLN B 18 -24.80 -50.68 -26.84
CA GLN B 18 -26.12 -50.26 -26.39
C GLN B 18 -26.09 -48.81 -25.93
N ARG B 19 -25.00 -48.41 -25.24
CA ARG B 19 -24.81 -47.04 -24.79
C ARG B 19 -24.81 -46.08 -26.00
N LYS B 20 -24.02 -46.37 -27.04
CA LYS B 20 -23.95 -45.52 -28.22
C LYS B 20 -25.28 -45.41 -28.98
N ARG B 21 -26.13 -46.41 -28.86
CA ARG B 21 -27.46 -46.38 -29.47
C ARG B 21 -28.35 -45.47 -28.63
N ASP B 22 -28.30 -45.60 -27.30
CA ASP B 22 -29.08 -44.79 -26.36
C ASP B 22 -28.69 -43.33 -26.43
N LEU B 23 -27.42 -43.04 -26.65
CA LEU B 23 -26.93 -41.67 -26.74
C LEU B 23 -27.38 -41.07 -28.06
N ARG B 24 -27.30 -41.84 -29.15
CA ARG B 24 -27.77 -41.41 -30.47
C ARG B 24 -29.25 -41.01 -30.42
N GLU B 25 -30.03 -41.61 -29.51
CA GLU B 25 -31.44 -41.33 -29.26
C GLU B 25 -31.60 -39.89 -28.78
N ILE B 26 -30.72 -39.45 -27.88
CA ILE B 26 -30.76 -38.11 -27.33
C ILE B 26 -30.27 -37.15 -28.40
N GLU B 27 -29.15 -37.50 -29.08
CA GLU B 27 -28.56 -36.72 -30.15
C GLU B 27 -29.54 -36.47 -31.30
N ASP B 28 -30.49 -37.38 -31.52
CA ASP B 28 -31.48 -37.20 -32.55
C ASP B 28 -32.50 -36.20 -32.11
N ALA B 29 -33.03 -36.33 -30.90
CA ALA B 29 -33.98 -35.34 -30.38
C ALA B 29 -33.35 -33.97 -30.20
N LEU B 30 -32.02 -33.88 -30.11
CA LEU B 30 -31.33 -32.61 -30.06
C LEU B 30 -31.45 -31.95 -31.44
N ILE B 31 -31.19 -32.71 -32.51
CA ILE B 31 -31.29 -32.22 -33.88
C ILE B 31 -32.75 -31.85 -34.18
N ASP B 32 -33.70 -32.69 -33.78
CA ASP B 32 -35.13 -32.47 -33.98
C ASP B 32 -35.63 -31.21 -33.32
N HIS B 33 -34.99 -30.80 -32.22
CA HIS B 33 -35.40 -29.59 -31.52
C HIS B 33 -34.31 -28.53 -31.46
N LYS B 34 -33.39 -28.54 -32.45
CA LYS B 34 -32.27 -27.61 -32.58
C LYS B 34 -32.74 -26.16 -32.54
N GLU B 35 -33.84 -25.89 -33.25
CA GLU B 35 -34.52 -24.60 -33.33
C GLU B 35 -34.77 -24.00 -31.92
N ALA B 36 -35.45 -24.74 -31.06
CA ALA B 36 -35.80 -24.35 -29.71
C ALA B 36 -34.59 -24.33 -28.79
N ILE B 37 -33.62 -25.21 -29.04
CA ILE B 37 -32.40 -25.29 -28.24
C ILE B 37 -31.61 -24.00 -28.36
N LEU B 38 -31.41 -23.53 -29.60
CA LEU B 38 -30.67 -22.29 -29.81
C LEU B 38 -31.44 -21.09 -29.30
N GLU B 39 -32.77 -21.11 -29.44
CA GLU B 39 -33.66 -20.06 -28.95
C GLU B 39 -33.56 -19.93 -27.42
N THR B 40 -33.58 -21.07 -26.72
CA THR B 40 -33.52 -21.12 -25.26
C THR B 40 -32.17 -20.63 -24.78
N LEU B 41 -31.10 -21.01 -25.47
CA LEU B 41 -29.75 -20.60 -25.16
C LEU B 41 -29.59 -19.09 -25.28
N HIS B 42 -30.22 -18.49 -26.29
CA HIS B 42 -30.16 -17.05 -26.51
C HIS B 42 -30.84 -16.35 -25.35
N MET B 43 -32.04 -16.82 -25.00
CA MET B 43 -32.84 -16.31 -23.89
C MET B 43 -32.08 -16.40 -22.57
N LEU B 44 -31.40 -17.52 -22.35
CA LEU B 44 -30.60 -17.77 -21.15
C LEU B 44 -29.39 -16.85 -21.09
N GLY B 45 -28.79 -16.59 -22.24
CA GLY B 45 -27.66 -15.66 -22.35
C GLY B 45 -28.07 -14.26 -21.98
N HIS B 46 -29.31 -13.88 -22.35
CA HIS B 46 -29.94 -12.60 -22.04
C HIS B 46 -30.29 -12.49 -20.57
N MET B 47 -30.66 -13.59 -19.94
CA MET B 47 -30.96 -13.60 -18.52
C MET B 47 -29.71 -13.34 -17.72
N ASN B 48 -28.57 -13.90 -18.14
CA ASN B 48 -27.30 -13.63 -17.47
C ASN B 48 -26.90 -12.18 -17.74
N GLU B 49 -27.07 -11.73 -18.99
CA GLU B 49 -26.82 -10.38 -19.49
C GLU B 49 -27.56 -9.36 -18.60
N ARG B 50 -28.80 -9.66 -18.20
CA ARG B 50 -29.59 -8.76 -17.35
C ARG B 50 -29.57 -9.11 -15.86
N GLY B 51 -28.53 -9.81 -15.43
CA GLY B 51 -28.33 -10.18 -14.03
C GLY B 51 -29.35 -11.10 -13.38
N VAL B 52 -30.30 -11.62 -14.14
CA VAL B 52 -31.31 -12.52 -13.63
C VAL B 52 -30.66 -13.80 -13.06
N LEU B 53 -29.77 -14.45 -13.85
CA LEU B 53 -29.04 -15.66 -13.45
C LEU B 53 -28.11 -15.43 -12.25
N PRO B 54 -27.24 -14.39 -12.27
CA PRO B 54 -26.41 -14.13 -11.08
C PRO B 54 -27.26 -13.79 -9.86
N LEU B 55 -28.42 -13.13 -10.07
CA LEU B 55 -29.31 -12.80 -8.97
C LEU B 55 -29.86 -14.06 -8.29
N LEU B 56 -30.15 -15.08 -9.09
CA LEU B 56 -30.62 -16.35 -8.55
C LEU B 56 -29.47 -17.10 -7.91
N ARG B 57 -28.29 -17.09 -8.54
CA ARG B 57 -27.11 -17.77 -8.02
C ARG B 57 -26.74 -17.24 -6.63
N GLY B 58 -26.79 -15.92 -6.46
CA GLY B 58 -26.51 -15.29 -5.18
C GLY B 58 -27.53 -15.69 -4.13
N LEU B 59 -28.80 -15.73 -4.56
CA LEU B 59 -29.95 -16.13 -3.76
C LEU B 59 -29.80 -17.53 -3.19
N PHE B 60 -29.32 -18.49 -3.99
CA PHE B 60 -29.14 -19.86 -3.52
C PHE B 60 -27.83 -20.06 -2.81
N GLY B 61 -26.77 -19.45 -3.31
CA GLY B 61 -25.47 -19.54 -2.69
C GLY B 61 -25.45 -18.98 -1.29
N GLN B 62 -26.21 -17.91 -1.07
CA GLN B 62 -26.32 -17.26 0.23
C GLN B 62 -27.70 -17.38 0.89
N GLY B 63 -28.54 -18.26 0.37
CA GLY B 63 -29.89 -18.50 0.85
C GLY B 63 -29.99 -18.80 2.32
N ASP B 64 -28.95 -19.40 2.90
CA ASP B 64 -28.95 -19.67 4.34
C ASP B 64 -29.10 -18.38 5.15
N LYS B 65 -28.42 -17.33 4.70
CA LYS B 65 -28.48 -16.02 5.30
C LYS B 65 -29.82 -15.40 4.95
N VAL B 66 -30.18 -15.41 3.66
CA VAL B 66 -31.44 -14.87 3.14
C VAL B 66 -32.67 -15.33 3.93
N LEU B 67 -32.74 -16.62 4.22
CA LEU B 67 -33.86 -17.17 4.95
C LEU B 67 -33.81 -16.76 6.39
N ASP B 68 -32.65 -16.85 7.03
CA ASP B 68 -32.49 -16.47 8.42
C ASP B 68 -32.86 -15.00 8.64
N ILE B 69 -32.50 -14.14 7.68
CA ILE B 69 -32.79 -12.72 7.72
C ILE B 69 -34.31 -12.52 7.69
N LEU B 70 -34.97 -13.24 6.78
CA LEU B 70 -36.39 -13.16 6.57
C LEU B 70 -37.20 -13.62 7.76
N VAL B 71 -36.97 -14.83 8.23
CA VAL B 71 -37.74 -15.38 9.34
C VAL B 71 -37.56 -14.59 10.63
N LYS B 72 -36.36 -14.08 10.90
CA LYS B 72 -36.10 -13.34 12.12
C LYS B 72 -36.83 -12.03 12.15
N LYS B 73 -36.85 -11.33 11.03
CA LYS B 73 -37.55 -10.07 10.95
C LYS B 73 -39.07 -10.30 10.93
N ALA B 74 -39.52 -11.34 10.24
CA ALA B 74 -40.95 -11.60 10.11
C ALA B 74 -41.60 -12.32 11.28
N ASP B 75 -40.86 -12.67 12.37
CA ASP B 75 -41.49 -13.39 13.47
C ASP B 75 -42.05 -12.47 14.56
N THR B 76 -42.57 -11.32 14.15
CA THR B 76 -43.17 -10.37 15.09
C THR B 76 -44.55 -10.83 15.54
N GLU B 77 -45.05 -10.26 16.64
CA GLU B 77 -46.40 -10.54 17.14
C GLU B 77 -47.42 -10.04 16.10
N GLU B 78 -47.16 -8.87 15.49
CA GLU B 78 -47.98 -8.28 14.45
C GLU B 78 -48.15 -9.22 13.25
N THR B 79 -47.04 -9.74 12.70
CA THR B 79 -47.04 -10.64 11.54
C THR B 79 -47.77 -11.93 11.81
N ALA B 80 -47.55 -12.51 13.00
CA ALA B 80 -48.17 -13.75 13.40
C ALA B 80 -49.69 -13.58 13.48
N ASN B 81 -50.15 -12.46 14.07
CA ASN B 81 -51.57 -12.19 14.19
C ASN B 81 -52.19 -11.90 12.83
N THR B 82 -51.52 -11.09 12.00
CA THR B 82 -51.99 -10.71 10.67
C THR B 82 -52.21 -11.94 9.81
N LEU B 83 -51.24 -12.84 9.79
CA LEU B 83 -51.27 -14.05 9.00
C LEU B 83 -52.31 -15.03 9.53
N LYS B 84 -52.49 -15.11 10.85
CA LYS B 84 -53.49 -16.01 11.43
C LYS B 84 -54.88 -15.49 11.10
N ASN B 85 -55.12 -14.19 11.30
CA ASN B 85 -56.41 -13.58 11.00
C ASN B 85 -56.74 -13.69 9.52
N LEU B 86 -55.73 -13.67 8.65
CA LEU B 86 -55.90 -13.84 7.20
C LEU B 86 -56.49 -15.21 6.93
N LEU B 87 -55.97 -16.25 7.60
CA LEU B 87 -56.45 -17.61 7.46
C LEU B 87 -57.87 -17.70 8.01
N LEU B 88 -58.12 -17.08 9.17
CA LEU B 88 -59.43 -17.01 9.82
C LEU B 88 -60.48 -16.41 8.89
N LEU B 89 -60.08 -15.40 8.10
CA LEU B 89 -60.94 -14.70 7.15
C LEU B 89 -61.46 -15.63 6.08
N PHE B 90 -60.63 -16.57 5.60
CA PHE B 90 -61.07 -17.53 4.59
C PHE B 90 -62.17 -18.42 5.15
N GLY B 91 -61.97 -18.90 6.36
CA GLY B 91 -62.96 -19.75 7.01
C GLY B 91 -64.30 -19.08 7.20
N THR B 92 -64.27 -17.85 7.74
CA THR B 92 -65.50 -17.10 7.98
C THR B 92 -66.16 -16.68 6.68
N LEU B 93 -65.38 -16.44 5.61
CA LEU B 93 -65.98 -16.11 4.31
C LEU B 93 -66.64 -17.34 3.61
N GLY B 94 -66.63 -18.48 4.28
CA GLY B 94 -67.29 -19.71 3.85
C GLY B 94 -68.67 -19.77 4.47
N MET B 95 -68.78 -19.36 5.76
CA MET B 95 -70.07 -19.29 6.49
C MET B 95 -71.02 -18.22 5.91
N LEU B 96 -70.46 -17.23 5.18
CA LEU B 96 -71.20 -16.17 4.53
C LEU B 96 -72.00 -16.74 3.37
N ASP B 97 -73.23 -16.26 3.20
CA ASP B 97 -74.05 -16.69 2.09
C ASP B 97 -74.05 -15.55 1.08
N VAL B 98 -73.19 -15.65 0.07
CA VAL B 98 -73.03 -14.62 -0.96
C VAL B 98 -74.32 -14.39 -1.79
N LYS B 99 -75.26 -15.36 -1.75
CA LYS B 99 -76.54 -15.29 -2.43
C LYS B 99 -77.32 -14.03 -2.01
N GLN B 100 -77.44 -13.77 -0.68
CA GLN B 100 -78.16 -12.59 -0.15
C GLN B 100 -77.32 -11.31 -0.14
N LEU B 101 -76.00 -11.42 -0.31
CA LEU B 101 -75.14 -10.25 -0.41
C LEU B 101 -75.29 -9.58 -1.79
N GLU B 102 -75.62 -10.38 -2.83
CA GLU B 102 -75.85 -9.93 -4.20
C GLU B 102 -76.95 -8.84 -4.30
N PRO B 103 -78.20 -9.04 -3.80
CA PRO B 103 -79.19 -7.95 -3.87
C PRO B 103 -78.90 -6.80 -2.90
N LEU B 104 -78.20 -7.08 -1.79
CA LEU B 104 -77.77 -6.11 -0.80
C LEU B 104 -76.86 -5.03 -1.44
N ILE B 105 -75.99 -5.47 -2.37
CA ILE B 105 -75.07 -4.61 -3.12
C ILE B 105 -75.84 -3.67 -4.05
N LEU B 106 -76.81 -4.22 -4.78
CA LEU B 106 -77.66 -3.54 -5.77
C LEU B 106 -78.47 -2.36 -5.21
N LYS B 107 -78.90 -2.46 -3.95
CA LYS B 107 -79.66 -1.39 -3.31
C LYS B 107 -78.75 -0.22 -2.93
N VAL B 108 -77.50 -0.53 -2.52
CA VAL B 108 -76.47 0.46 -2.19
C VAL B 108 -76.08 1.27 -3.45
N ASN B 109 -76.09 0.61 -4.64
CA ASN B 109 -75.78 1.21 -5.95
C ASN B 109 -76.70 2.39 -6.26
N ALA B 110 -77.98 2.29 -5.88
CA ALA B 110 -78.93 3.37 -6.14
C ALA B 110 -78.81 4.47 -5.08
#